data_2IBP
#
_entry.id   2IBP
#
_cell.length_a   64.418
_cell.length_b   89.803
_cell.length_c   146.331
_cell.angle_alpha   90.00
_cell.angle_beta   90.00
_cell.angle_gamma   90.00
#
_symmetry.space_group_name_H-M   'P 21 21 21'
#
loop_
_entity.id
_entity.type
_entity.pdbx_description
1 polymer 'Citrate synthase'
2 non-polymer 'ACETATE ION'
3 non-polymer 'MAGNESIUM ION'
4 water water
#
_entity_poly.entity_id   1
_entity_poly.type   'polypeptide(L)'
_entity_poly.pdbx_seq_one_letter_code
;MSEQTVQVKTTGKILQSPCGPIIHGLEDVLIKSTSISDIDGEKGILWYRGYRIEELARLSTYEEVSYLILYGRLPTKREL
EDYINRMKKYRELHPATVEVIRNLAKAHPMFALEAAVAAEGAYDEDNQKLIEALSVGRYKAEEKELAYRIAEKLVAKMPT
IVAYHYRFSRGLEVVRPRDDLGHAANFLYMMFGREPDPLASRGIDLYLILHADHEVPASTFAAHVVASTLSDLYSSVAAA
IAALKGPLHGGANEMAVRNYLEIGTPAKAKEIVEAATKPGGPKLMGVGHRVYKAYDPRAKIFKEFSRDYVAKFGDPQNLF
AIASAIEQEVLSHPYFQQRKLYPNVDFWSGIAFYYMGIPYEYFTPIFAMSRVVGWVAHVLEYWENNRIFRPRACYIGPHD
LQYIPLEQR
;
_entity_poly.pdbx_strand_id   A,B
#
# COMPACT_ATOMS: atom_id res chain seq x y z
N GLU A 3 -8.91 1.53 28.46
CA GLU A 3 -7.50 1.09 28.20
C GLU A 3 -7.18 -0.18 28.99
N GLN A 4 -6.64 -1.18 28.29
CA GLN A 4 -6.29 -2.44 28.92
C GLN A 4 -4.91 -2.89 28.46
N THR A 5 -4.36 -3.87 29.18
CA THR A 5 -3.06 -4.42 28.84
C THR A 5 -3.26 -5.81 28.24
N VAL A 6 -2.55 -6.05 27.13
CA VAL A 6 -2.66 -7.31 26.40
C VAL A 6 -1.30 -7.99 26.29
N GLN A 7 -1.27 -9.29 26.54
CA GLN A 7 -0.03 -10.06 26.42
C GLN A 7 0.18 -10.42 24.95
N VAL A 8 1.27 -9.92 24.38
CA VAL A 8 1.59 -10.17 22.97
C VAL A 8 2.91 -10.92 22.88
N LYS A 9 2.87 -12.13 22.31
CA LYS A 9 4.06 -12.95 22.16
C LYS A 9 4.76 -12.61 20.86
N THR A 10 6.08 -12.65 20.88
CA THR A 10 6.86 -12.31 19.68
C THR A 10 8.26 -12.87 19.74
N THR A 11 8.81 -13.18 18.57
CA THR A 11 10.16 -13.68 18.46
C THR A 11 11.05 -12.57 17.93
N GLY A 12 10.49 -11.37 17.78
CA GLY A 12 11.23 -10.23 17.25
C GLY A 12 11.89 -9.37 18.32
N LYS A 13 12.49 -8.27 17.88
CA LYS A 13 13.18 -7.35 18.77
C LYS A 13 12.21 -6.36 19.38
N ILE A 14 12.40 -6.08 20.65
CA ILE A 14 11.54 -5.16 21.39
C ILE A 14 12.35 -3.92 21.74
N LEU A 15 11.77 -2.77 21.46
CA LEU A 15 12.42 -1.49 21.73
C LEU A 15 11.56 -0.81 22.77
N GLN A 16 12.17 -0.31 23.83
CA GLN A 16 11.37 0.39 24.82
C GLN A 16 11.22 1.85 24.43
N SER A 17 10.14 2.46 24.89
CA SER A 17 9.88 3.83 24.53
C SER A 17 9.06 4.47 25.61
N PRO A 18 9.00 5.81 25.60
CA PRO A 18 8.20 6.51 26.58
C PRO A 18 6.73 6.09 26.59
N CYS A 19 6.25 5.51 25.48
CA CYS A 19 4.84 5.16 25.34
C CYS A 19 4.57 3.67 25.54
N GLY A 20 5.64 2.89 25.72
CA GLY A 20 5.53 1.45 25.90
C GLY A 20 6.44 0.67 24.96
N PRO A 21 6.29 -0.66 24.98
CA PRO A 21 7.15 -1.49 24.13
C PRO A 21 6.85 -1.41 22.63
N ILE A 22 7.90 -1.36 21.82
CA ILE A 22 7.73 -1.35 20.37
C ILE A 22 8.18 -2.72 19.83
N ILE A 23 7.27 -3.47 19.20
CA ILE A 23 7.66 -4.77 18.61
C ILE A 23 8.09 -4.43 17.19
N HIS A 24 9.40 -4.43 16.98
CA HIS A 24 10.00 -4.01 15.73
C HIS A 24 9.54 -4.87 14.59
N GLY A 25 8.98 -4.24 13.56
CA GLY A 25 8.44 -4.98 12.42
C GLY A 25 7.16 -5.74 12.77
N LEU A 26 6.61 -5.52 13.95
CA LEU A 26 5.41 -6.25 14.40
C LEU A 26 5.58 -7.75 14.18
N GLU A 27 6.79 -8.25 14.40
CA GLU A 27 7.09 -9.65 14.16
C GLU A 27 6.23 -10.55 15.03
N ASP A 28 5.46 -11.39 14.36
CA ASP A 28 4.59 -12.37 14.99
C ASP A 28 3.37 -11.80 15.65
N VAL A 29 3.13 -10.50 15.52
CA VAL A 29 1.97 -9.87 16.13
C VAL A 29 0.73 -10.29 15.36
N LEU A 30 -0.27 -10.81 16.09
CA LEU A 30 -1.51 -11.28 15.48
C LEU A 30 -2.38 -10.14 14.98
N ILE A 31 -2.92 -10.29 13.77
CA ILE A 31 -3.84 -9.30 13.23
C ILE A 31 -5.25 -9.83 13.00
N LYS A 32 -5.39 -11.16 13.01
CA LYS A 32 -6.66 -11.80 12.77
C LYS A 32 -6.54 -13.31 12.88
N SER A 33 -7.70 -13.96 12.86
CA SER A 33 -7.76 -15.40 12.71
C SER A 33 -8.00 -15.62 11.23
N THR A 34 -7.49 -16.73 10.71
CA THR A 34 -7.63 -17.02 9.31
C THR A 34 -7.83 -18.49 9.07
N SER A 35 -8.48 -18.79 7.95
CA SER A 35 -8.64 -20.17 7.51
C SER A 35 -8.06 -20.36 6.11
N ILE A 36 -7.26 -19.42 5.63
CA ILE A 36 -6.76 -19.45 4.26
C ILE A 36 -5.62 -20.41 4.05
N SER A 37 -4.54 -20.24 4.81
CA SER A 37 -3.41 -21.15 4.68
C SER A 37 -2.71 -21.31 6.02
N ASP A 38 -1.93 -22.37 6.14
CA ASP A 38 -1.22 -22.65 7.36
C ASP A 38 0.07 -23.33 7.00
N ILE A 39 1.10 -23.03 7.78
CA ILE A 39 2.40 -23.67 7.60
C ILE A 39 2.84 -24.31 8.89
N ASP A 40 3.25 -25.58 8.79
CA ASP A 40 3.92 -26.24 9.90
C ASP A 40 5.40 -26.22 9.50
N GLY A 41 6.13 -25.26 10.05
CA GLY A 41 7.53 -25.08 9.71
C GLY A 41 8.44 -26.21 10.15
N GLU A 42 8.12 -26.85 11.27
CA GLU A 42 8.95 -27.93 11.77
C GLU A 42 8.85 -29.18 10.91
N LYS A 43 7.65 -29.49 10.44
CA LYS A 43 7.44 -30.67 9.62
C LYS A 43 7.52 -30.38 8.11
N GLY A 44 7.49 -29.10 7.73
CA GLY A 44 7.56 -28.72 6.33
C GLY A 44 6.28 -29.03 5.59
N ILE A 45 5.16 -28.58 6.16
CA ILE A 45 3.85 -28.83 5.58
C ILE A 45 3.16 -27.49 5.35
N LEU A 46 2.49 -27.38 4.20
CA LEU A 46 1.74 -26.21 3.85
C LEU A 46 0.33 -26.66 3.48
N TRP A 47 -0.67 -25.99 4.03
CA TRP A 47 -2.07 -26.27 3.68
C TRP A 47 -2.74 -25.03 3.11
N TYR A 48 -3.62 -25.24 2.13
CA TYR A 48 -4.52 -24.19 1.67
C TYR A 48 -5.93 -24.66 2.02
N ARG A 49 -6.62 -23.90 2.86
CA ARG A 49 -8.01 -24.22 3.20
C ARG A 49 -8.15 -25.69 3.66
N GLY A 50 -7.18 -26.17 4.40
CA GLY A 50 -7.20 -27.54 4.94
C GLY A 50 -6.57 -28.62 4.08
N TYR A 51 -6.26 -28.31 2.82
CA TYR A 51 -5.65 -29.28 1.90
C TYR A 51 -4.15 -29.14 1.79
N ARG A 52 -3.42 -30.24 1.89
CA ARG A 52 -1.96 -30.19 1.77
CA ARG A 52 -1.96 -30.16 1.77
C ARG A 52 -1.55 -29.78 0.36
N ILE A 53 -0.51 -28.94 0.30
CA ILE A 53 -0.03 -28.48 -0.99
C ILE A 53 0.38 -29.62 -1.92
N GLU A 54 0.95 -30.69 -1.38
CA GLU A 54 1.33 -31.84 -2.22
C GLU A 54 0.11 -32.37 -2.99
N GLU A 55 -1.02 -32.50 -2.30
CA GLU A 55 -2.23 -33.02 -2.92
C GLU A 55 -2.75 -32.08 -4.01
N LEU A 56 -2.73 -30.78 -3.72
CA LEU A 56 -3.19 -29.80 -4.69
C LEU A 56 -2.27 -29.72 -5.88
N ALA A 57 -0.96 -29.75 -5.65
CA ALA A 57 -0.01 -29.72 -6.76
C ALA A 57 -0.17 -30.98 -7.63
N ARG A 58 -0.45 -32.10 -7.00
CA ARG A 58 -0.61 -33.36 -7.73
C ARG A 58 -1.93 -33.44 -8.51
N LEU A 59 -3.01 -33.01 -7.88
CA LEU A 59 -4.34 -33.26 -8.44
C LEU A 59 -5.13 -32.06 -8.94
N SER A 60 -4.62 -30.86 -8.70
CA SER A 60 -5.39 -29.70 -9.03
C SER A 60 -4.73 -28.84 -10.11
N THR A 61 -5.30 -27.67 -10.33
CA THR A 61 -4.86 -26.70 -11.30
C THR A 61 -4.98 -25.32 -10.63
N TYR A 62 -4.38 -24.29 -11.21
CA TYR A 62 -4.51 -22.99 -10.59
C TYR A 62 -5.96 -22.53 -10.60
N GLU A 63 -6.72 -22.86 -11.63
CA GLU A 63 -8.13 -22.48 -11.65
C GLU A 63 -8.83 -23.06 -10.42
N GLU A 64 -8.64 -24.34 -10.17
CA GLU A 64 -9.31 -24.98 -9.04
C GLU A 64 -8.77 -24.53 -7.69
N VAL A 65 -7.44 -24.38 -7.59
CA VAL A 65 -6.83 -23.93 -6.36
C VAL A 65 -7.24 -22.50 -6.05
N SER A 66 -7.33 -21.65 -7.07
CA SER A 66 -7.73 -20.27 -6.85
C SER A 66 -9.17 -20.23 -6.35
N TYR A 67 -10.02 -21.09 -6.91
CA TYR A 67 -11.40 -21.18 -6.44
C TYR A 67 -11.39 -21.54 -4.96
N LEU A 68 -10.65 -22.60 -4.63
CA LEU A 68 -10.50 -23.06 -3.26
C LEU A 68 -10.05 -21.95 -2.32
N ILE A 69 -9.00 -21.24 -2.71
CA ILE A 69 -8.49 -20.18 -1.84
C ILE A 69 -9.52 -19.08 -1.67
N LEU A 70 -10.16 -18.67 -2.75
CA LEU A 70 -11.14 -17.61 -2.68
C LEU A 70 -12.43 -17.98 -1.93
N TYR A 71 -13.00 -19.12 -2.29
CA TYR A 71 -14.29 -19.54 -1.72
C TYR A 71 -14.24 -20.44 -0.49
N GLY A 72 -13.08 -21.04 -0.22
CA GLY A 72 -12.88 -21.80 0.99
C GLY A 72 -13.19 -23.29 0.88
N ARG A 73 -13.57 -23.72 -0.31
CA ARG A 73 -13.83 -25.13 -0.54
C ARG A 73 -13.61 -25.49 -1.99
N LEU A 74 -13.54 -26.78 -2.27
CA LEU A 74 -13.38 -27.24 -3.64
C LEU A 74 -14.69 -27.06 -4.40
N PRO A 75 -14.60 -26.65 -5.67
CA PRO A 75 -15.81 -26.44 -6.46
C PRO A 75 -16.44 -27.73 -6.98
N THR A 76 -17.76 -27.73 -7.16
CA THR A 76 -18.39 -28.84 -7.85
C THR A 76 -18.06 -28.68 -9.34
N LYS A 77 -18.34 -29.70 -10.13
CA LYS A 77 -18.09 -29.62 -11.56
C LYS A 77 -18.72 -28.37 -12.16
N ARG A 78 -19.98 -28.11 -11.82
CA ARG A 78 -20.67 -26.95 -12.38
C ARG A 78 -20.03 -25.65 -11.95
N GLU A 79 -19.69 -25.56 -10.67
CA GLU A 79 -19.08 -24.35 -10.12
C GLU A 79 -17.75 -24.06 -10.79
N LEU A 80 -16.98 -25.12 -11.03
CA LEU A 80 -15.66 -24.93 -11.65
C LEU A 80 -15.81 -24.48 -13.08
N GLU A 81 -16.72 -25.14 -13.82
CA GLU A 81 -16.98 -24.76 -15.20
C GLU A 81 -17.40 -23.29 -15.30
N ASP A 82 -18.34 -22.89 -14.45
CA ASP A 82 -18.83 -21.51 -14.46
C ASP A 82 -17.72 -20.52 -14.08
N TYR A 83 -16.94 -20.88 -13.08
CA TYR A 83 -15.82 -20.05 -12.62
C TYR A 83 -14.78 -19.87 -13.74
N ILE A 84 -14.40 -20.98 -14.34
CA ILE A 84 -13.43 -20.93 -15.44
C ILE A 84 -13.93 -20.02 -16.54
N ASN A 85 -15.22 -20.12 -16.89
CA ASN A 85 -15.78 -19.25 -17.91
C ASN A 85 -15.80 -17.77 -17.52
N ARG A 86 -16.08 -17.48 -16.26
CA ARG A 86 -16.08 -16.10 -15.80
C ARG A 86 -14.66 -15.56 -15.88
N MET A 87 -13.70 -16.36 -15.42
CA MET A 87 -12.30 -15.95 -15.43
C MET A 87 -11.85 -15.68 -16.86
N LYS A 88 -12.23 -16.53 -17.79
CA LYS A 88 -11.87 -16.32 -19.19
C LYS A 88 -12.40 -14.99 -19.71
N LYS A 89 -13.66 -14.69 -19.38
CA LYS A 89 -14.29 -13.44 -19.78
C LYS A 89 -13.57 -12.25 -19.16
N TYR A 90 -13.08 -12.42 -17.94
CA TYR A 90 -12.42 -11.33 -17.24
C TYR A 90 -10.98 -11.07 -17.64
N ARG A 91 -10.36 -11.98 -18.37
CA ARG A 91 -8.94 -11.82 -18.70
C ARG A 91 -8.60 -10.53 -19.41
N GLU A 92 -9.44 -10.09 -20.33
CA GLU A 92 -9.12 -8.91 -21.12
C GLU A 92 -9.19 -7.65 -20.28
N LEU A 93 -8.32 -6.70 -20.59
CA LEU A 93 -8.25 -5.46 -19.85
C LEU A 93 -9.02 -4.38 -20.56
N HIS A 94 -9.41 -3.37 -19.78
CA HIS A 94 -10.09 -2.18 -20.29
C HIS A 94 -9.10 -1.41 -21.16
N PRO A 95 -9.56 -0.82 -22.26
CA PRO A 95 -8.63 -0.09 -23.11
C PRO A 95 -7.77 0.95 -22.36
N ALA A 96 -8.34 1.62 -21.35
CA ALA A 96 -7.60 2.62 -20.60
C ALA A 96 -6.42 1.97 -19.88
N THR A 97 -6.66 0.76 -19.38
CA THR A 97 -5.62 0.00 -18.68
C THR A 97 -4.48 -0.34 -19.65
N VAL A 98 -4.84 -0.77 -20.86
CA VAL A 98 -3.85 -1.11 -21.86
C VAL A 98 -3.01 0.11 -22.23
N GLU A 99 -3.66 1.28 -22.30
CA GLU A 99 -2.90 2.50 -22.58
C GLU A 99 -1.97 2.85 -21.43
N VAL A 100 -2.43 2.65 -20.19
CA VAL A 100 -1.57 2.86 -19.05
C VAL A 100 -0.33 1.97 -19.15
N ILE A 101 -0.54 0.68 -19.44
CA ILE A 101 0.59 -0.23 -19.62
C ILE A 101 1.52 0.22 -20.76
N ARG A 102 0.95 0.63 -21.88
CA ARG A 102 1.73 1.09 -23.03
CA ARG A 102 1.75 1.06 -23.01
C ARG A 102 2.62 2.25 -22.63
N ASN A 103 2.04 3.20 -21.90
CA ASN A 103 2.82 4.36 -21.46
C ASN A 103 3.96 4.01 -20.52
N LEU A 104 3.83 2.88 -19.83
CA LEU A 104 4.84 2.41 -18.91
C LEU A 104 5.65 1.22 -19.46
N ALA A 105 5.63 1.10 -20.79
CA ALA A 105 6.28 -0.02 -21.47
C ALA A 105 7.78 -0.04 -21.19
N LYS A 106 8.37 1.14 -21.08
CA LYS A 106 9.81 1.22 -20.91
C LYS A 106 10.24 1.24 -19.46
N ALA A 107 9.26 1.15 -18.56
CA ALA A 107 9.52 1.15 -17.13
C ALA A 107 9.56 -0.28 -16.60
N HIS A 108 10.00 -0.42 -15.37
CA HIS A 108 10.06 -1.72 -14.74
C HIS A 108 8.64 -2.27 -14.62
N PRO A 109 8.47 -3.57 -14.89
CA PRO A 109 7.12 -4.11 -14.89
C PRO A 109 6.33 -3.92 -13.61
N MET A 110 6.98 -3.92 -12.45
CA MET A 110 6.23 -3.78 -11.20
C MET A 110 5.53 -2.42 -11.09
N PHE A 111 6.11 -1.37 -11.67
CA PHE A 111 5.44 -0.07 -11.68
C PHE A 111 4.21 -0.16 -12.58
N ALA A 112 4.36 -0.85 -13.71
CA ALA A 112 3.26 -1.04 -14.65
C ALA A 112 2.15 -1.81 -13.98
N LEU A 113 2.50 -2.85 -13.21
CA LEU A 113 1.48 -3.63 -12.51
C LEU A 113 0.72 -2.74 -11.54
N GLU A 114 1.45 -1.97 -10.73
CA GLU A 114 0.80 -1.11 -9.74
C GLU A 114 -0.17 -0.17 -10.43
N ALA A 115 0.30 0.53 -11.45
CA ALA A 115 -0.52 1.52 -12.17
C ALA A 115 -1.67 0.86 -12.94
N ALA A 116 -1.39 -0.28 -13.58
CA ALA A 116 -2.41 -0.97 -14.36
C ALA A 116 -3.53 -1.52 -13.49
N VAL A 117 -3.20 -2.02 -12.31
CA VAL A 117 -4.23 -2.52 -11.41
C VAL A 117 -5.12 -1.37 -10.93
N ALA A 118 -4.52 -0.25 -10.59
CA ALA A 118 -5.31 0.93 -10.20
C ALA A 118 -6.18 1.38 -11.37
N ALA A 119 -5.61 1.43 -12.56
CA ALA A 119 -6.34 1.86 -13.75
C ALA A 119 -7.52 0.96 -14.04
N GLU A 120 -7.32 -0.35 -13.95
CA GLU A 120 -8.41 -1.29 -14.21
C GLU A 120 -9.52 -1.12 -13.18
N GLY A 121 -9.16 -0.86 -11.94
CA GLY A 121 -10.18 -0.68 -10.91
C GLY A 121 -10.98 0.60 -11.11
N ALA A 122 -10.36 1.55 -11.80
CA ALA A 122 -10.93 2.89 -12.00
C ALA A 122 -12.19 2.88 -12.83
N TYR A 123 -12.26 1.96 -13.79
CA TYR A 123 -13.40 1.90 -14.68
C TYR A 123 -14.24 0.62 -14.53
N ASP A 124 -13.89 -0.22 -13.57
CA ASP A 124 -14.63 -1.45 -13.29
C ASP A 124 -15.97 -1.07 -12.65
N GLU A 125 -17.06 -1.36 -13.35
CA GLU A 125 -18.39 -0.97 -12.86
C GLU A 125 -18.78 -1.61 -11.52
N ASP A 126 -18.42 -2.86 -11.35
CA ASP A 126 -18.67 -3.56 -10.09
C ASP A 126 -17.92 -2.87 -8.97
N ASN A 127 -16.66 -2.55 -9.23
CA ASN A 127 -15.86 -1.88 -8.24
C ASN A 127 -16.53 -0.57 -7.85
N GLN A 128 -16.95 0.22 -8.84
CA GLN A 128 -17.63 1.50 -8.55
C GLN A 128 -18.84 1.30 -7.65
N LYS A 129 -19.62 0.27 -7.95
CA LYS A 129 -20.81 -0.04 -7.18
C LYS A 129 -20.45 -0.44 -5.76
N LEU A 130 -19.38 -1.20 -5.60
CA LEU A 130 -18.96 -1.62 -4.27
C LEU A 130 -18.44 -0.43 -3.49
N ILE A 131 -17.68 0.44 -4.15
CA ILE A 131 -17.19 1.66 -3.53
C ILE A 131 -18.37 2.49 -3.03
N GLU A 132 -19.42 2.62 -3.84
CA GLU A 132 -20.61 3.39 -3.43
CA GLU A 132 -20.57 3.41 -3.42
C GLU A 132 -21.20 2.79 -2.17
N ALA A 133 -21.34 1.46 -2.14
CA ALA A 133 -21.93 0.80 -0.98
C ALA A 133 -21.10 0.98 0.28
N LEU A 134 -19.78 0.78 0.17
CA LEU A 134 -18.93 0.90 1.34
C LEU A 134 -18.85 2.35 1.84
N SER A 135 -19.09 3.31 0.95
CA SER A 135 -19.04 4.72 1.34
C SER A 135 -20.13 5.04 2.36
N VAL A 136 -21.20 4.26 2.34
CA VAL A 136 -22.31 4.44 3.30
C VAL A 136 -22.36 3.29 4.32
N GLY A 137 -21.26 2.54 4.41
CA GLY A 137 -21.11 1.47 5.37
C GLY A 137 -21.93 0.22 5.12
N ARG A 138 -22.33 0.01 3.88
CA ARG A 138 -23.14 -1.15 3.54
C ARG A 138 -22.29 -2.28 2.97
N TYR A 139 -22.28 -3.41 3.66
CA TYR A 139 -21.57 -4.58 3.17
C TYR A 139 -22.36 -5.82 3.57
N LYS A 140 -23.37 -6.12 2.75
CA LYS A 140 -24.25 -7.25 2.95
C LYS A 140 -24.13 -8.21 1.77
N ALA A 141 -25.12 -9.07 1.58
CA ALA A 141 -25.07 -10.09 0.52
C ALA A 141 -24.71 -9.55 -0.86
N GLU A 142 -25.42 -8.52 -1.31
CA GLU A 142 -25.19 -7.97 -2.63
C GLU A 142 -23.75 -7.48 -2.79
N GLU A 143 -23.25 -6.82 -1.75
CA GLU A 143 -21.91 -6.26 -1.79
C GLU A 143 -20.87 -7.36 -1.79
N LYS A 144 -21.08 -8.38 -0.97
CA LYS A 144 -20.16 -9.52 -0.97
C LYS A 144 -20.11 -10.18 -2.34
N GLU A 145 -21.25 -10.24 -3.03
CA GLU A 145 -21.28 -10.79 -4.38
C GLU A 145 -20.39 -9.94 -5.31
N LEU A 146 -20.48 -8.62 -5.18
CA LEU A 146 -19.63 -7.72 -5.97
C LEU A 146 -18.17 -7.96 -5.64
N ALA A 147 -17.87 -8.05 -4.35
CA ALA A 147 -16.50 -8.23 -3.87
C ALA A 147 -15.87 -9.51 -4.46
N TYR A 148 -16.64 -10.60 -4.49
CA TYR A 148 -16.11 -11.85 -5.04
C TYR A 148 -15.92 -11.77 -6.54
N ARG A 149 -16.84 -11.08 -7.22
CA ARG A 149 -16.71 -10.85 -8.66
C ARG A 149 -15.40 -10.09 -8.92
N ILE A 150 -15.16 -9.04 -8.13
CA ILE A 150 -13.95 -8.22 -8.29
C ILE A 150 -12.69 -9.03 -8.00
N ALA A 151 -12.75 -9.83 -6.95
CA ALA A 151 -11.63 -10.71 -6.58
C ALA A 151 -11.30 -11.64 -7.76
N GLU A 152 -12.32 -12.24 -8.38
CA GLU A 152 -12.10 -13.08 -9.56
C GLU A 152 -11.46 -12.32 -10.70
N LYS A 153 -11.89 -11.08 -10.92
CA LYS A 153 -11.36 -10.26 -11.99
C LYS A 153 -9.88 -10.01 -11.76
N LEU A 154 -9.52 -9.68 -10.53
CA LEU A 154 -8.10 -9.43 -10.21
C LEU A 154 -7.21 -10.66 -10.49
N VAL A 155 -7.70 -11.82 -10.12
CA VAL A 155 -6.96 -13.06 -10.33
C VAL A 155 -6.86 -13.32 -11.86
N ALA A 156 -7.96 -13.09 -12.56
CA ALA A 156 -7.98 -13.33 -14.02
C ALA A 156 -7.13 -12.38 -14.84
N LYS A 157 -7.05 -11.13 -14.40
CA LYS A 157 -6.41 -10.10 -15.17
C LYS A 157 -4.91 -10.00 -14.98
N MET A 158 -4.41 -10.43 -13.83
CA MET A 158 -3.00 -10.22 -13.54
C MET A 158 -2.07 -10.71 -14.66
N PRO A 159 -2.29 -11.93 -15.18
CA PRO A 159 -1.40 -12.38 -16.26
C PRO A 159 -1.46 -11.54 -17.51
N THR A 160 -2.63 -10.98 -17.79
CA THR A 160 -2.79 -10.14 -18.97
C THR A 160 -1.94 -8.88 -18.82
N ILE A 161 -2.00 -8.28 -17.64
CA ILE A 161 -1.23 -7.09 -17.36
C ILE A 161 0.26 -7.38 -17.57
N VAL A 162 0.74 -8.45 -16.96
CA VAL A 162 2.13 -8.85 -17.07
C VAL A 162 2.55 -9.07 -18.51
N ALA A 163 1.79 -9.90 -19.23
CA ALA A 163 2.10 -10.24 -20.61
C ALA A 163 2.06 -9.03 -21.54
N TYR A 164 1.06 -8.15 -21.37
CA TYR A 164 0.96 -6.97 -22.22
C TYR A 164 2.16 -6.07 -22.01
N HIS A 165 2.58 -5.95 -20.75
CA HIS A 165 3.75 -5.14 -20.49
C HIS A 165 4.96 -5.76 -21.15
N TYR A 166 5.12 -7.08 -21.02
CA TYR A 166 6.24 -7.77 -21.64
C TYR A 166 6.28 -7.46 -23.13
N ARG A 167 5.16 -7.66 -23.81
CA ARG A 167 5.07 -7.42 -25.24
C ARG A 167 5.42 -5.98 -25.58
N PHE A 168 4.78 -5.02 -24.91
CA PHE A 168 5.08 -3.62 -25.17
C PHE A 168 6.52 -3.27 -24.88
N SER A 169 7.11 -3.86 -23.83
CA SER A 169 8.49 -3.55 -23.45
C SER A 169 9.47 -3.97 -24.54
N ARG A 170 9.06 -4.96 -25.34
CA ARG A 170 9.86 -5.51 -26.44
C ARG A 170 9.46 -4.92 -27.81
N GLY A 171 8.64 -3.88 -27.79
CA GLY A 171 8.15 -3.24 -29.00
C GLY A 171 7.28 -4.14 -29.86
N LEU A 172 6.62 -5.11 -29.22
CA LEU A 172 5.76 -6.06 -29.93
C LEU A 172 4.30 -5.69 -29.69
N GLU A 173 3.43 -6.17 -30.57
CA GLU A 173 2.00 -5.95 -30.42
C GLU A 173 1.51 -6.91 -29.35
N VAL A 174 0.49 -6.52 -28.61
CA VAL A 174 -0.01 -7.40 -27.58
C VAL A 174 -0.62 -8.62 -28.23
N VAL A 175 -0.62 -9.70 -27.46
CA VAL A 175 -1.29 -10.93 -27.81
C VAL A 175 -2.43 -11.06 -26.84
N ARG A 176 -3.63 -10.90 -27.36
CA ARG A 176 -4.79 -10.91 -26.50
CA ARG A 176 -4.85 -10.92 -26.56
C ARG A 176 -5.13 -12.31 -26.01
N PRO A 177 -5.85 -12.40 -24.88
CA PRO A 177 -6.14 -13.70 -24.31
C PRO A 177 -6.92 -14.64 -25.19
N ARG A 178 -6.48 -15.89 -25.24
CA ARG A 178 -7.20 -16.94 -25.95
C ARG A 178 -8.14 -17.67 -25.01
N ASP A 179 -9.41 -17.59 -25.39
CA ASP A 179 -10.47 -18.15 -24.62
C ASP A 179 -10.39 -19.67 -24.48
N ASP A 180 -9.71 -20.33 -25.42
CA ASP A 180 -9.63 -21.78 -25.40
C ASP A 180 -8.46 -22.33 -24.59
N LEU A 181 -7.63 -21.45 -24.04
CA LEU A 181 -6.49 -21.86 -23.26
C LEU A 181 -6.74 -21.66 -21.78
N GLY A 182 -6.12 -22.51 -20.98
CA GLY A 182 -6.17 -22.41 -19.52
C GLY A 182 -5.40 -21.19 -19.04
N HIS A 183 -5.51 -20.92 -17.75
CA HIS A 183 -4.93 -19.71 -17.17
C HIS A 183 -3.41 -19.63 -17.40
N ALA A 184 -2.70 -20.70 -17.02
CA ALA A 184 -1.24 -20.76 -17.16
C ALA A 184 -0.83 -20.82 -18.64
N ALA A 185 -1.47 -21.69 -19.41
CA ALA A 185 -1.13 -21.78 -20.84
C ALA A 185 -1.37 -20.47 -21.56
N ASN A 186 -2.47 -19.82 -21.25
CA ASN A 186 -2.77 -18.58 -21.89
C ASN A 186 -1.72 -17.52 -21.57
N PHE A 187 -1.22 -17.53 -20.33
CA PHE A 187 -0.19 -16.56 -19.99
C PHE A 187 1.02 -16.73 -20.91
N LEU A 188 1.46 -17.96 -21.09
CA LEU A 188 2.62 -18.20 -21.95
C LEU A 188 2.32 -17.83 -23.40
N TYR A 189 1.10 -18.10 -23.85
CA TYR A 189 0.67 -17.70 -25.17
C TYR A 189 0.71 -16.15 -25.32
N MET A 190 0.22 -15.44 -24.31
CA MET A 190 0.23 -13.99 -24.35
C MET A 190 1.65 -13.41 -24.28
N MET A 191 2.54 -14.11 -23.59
CA MET A 191 3.93 -13.65 -23.49
C MET A 191 4.64 -13.81 -24.81
N PHE A 192 4.51 -15.00 -25.41
CA PHE A 192 5.34 -15.32 -26.56
C PHE A 192 4.65 -15.50 -27.91
N GLY A 193 3.32 -15.45 -27.93
CA GLY A 193 2.56 -15.48 -29.18
C GLY A 193 2.39 -16.83 -29.84
N ARG A 194 2.72 -17.88 -29.11
CA ARG A 194 2.52 -19.23 -29.61
C ARG A 194 1.98 -20.08 -28.46
N GLU A 195 1.17 -21.10 -28.77
CA GLU A 195 0.68 -21.95 -27.71
C GLU A 195 1.90 -22.65 -27.11
N PRO A 196 1.98 -22.69 -25.78
CA PRO A 196 3.13 -23.27 -25.16
C PRO A 196 3.13 -24.77 -25.21
N ASP A 197 4.33 -25.31 -25.00
CA ASP A 197 4.54 -26.73 -24.84
C ASP A 197 3.84 -27.10 -23.52
N PRO A 198 3.14 -28.22 -23.50
CA PRO A 198 2.45 -28.69 -22.30
C PRO A 198 3.29 -28.67 -21.03
N LEU A 199 4.56 -29.04 -21.15
CA LEU A 199 5.44 -29.06 -20.00
C LEU A 199 5.70 -27.64 -19.45
N ALA A 200 5.81 -26.65 -20.35
CA ALA A 200 6.02 -25.27 -19.92
C ALA A 200 4.76 -24.76 -19.22
N SER A 201 3.58 -25.07 -19.79
CA SER A 201 2.31 -24.68 -19.17
C SER A 201 2.15 -25.29 -17.80
N ARG A 202 2.49 -26.58 -17.70
CA ARG A 202 2.42 -27.25 -16.40
C ARG A 202 3.29 -26.52 -15.36
N GLY A 203 4.48 -26.12 -15.78
CA GLY A 203 5.39 -25.41 -14.91
C GLY A 203 4.78 -24.13 -14.39
N ILE A 204 4.16 -23.36 -15.29
CA ILE A 204 3.53 -22.11 -14.88
C ILE A 204 2.35 -22.42 -13.95
N ASP A 205 1.52 -23.38 -14.32
CA ASP A 205 0.37 -23.73 -13.48
C ASP A 205 0.84 -24.17 -12.09
N LEU A 206 1.86 -25.02 -12.05
CA LEU A 206 2.40 -25.50 -10.78
C LEU A 206 2.93 -24.33 -9.96
N TYR A 207 3.70 -23.46 -10.60
CA TYR A 207 4.25 -22.31 -9.89
C TYR A 207 3.12 -21.48 -9.29
N LEU A 208 2.06 -21.28 -10.07
CA LEU A 208 0.94 -20.47 -9.61
C LEU A 208 0.28 -21.13 -8.41
N ILE A 209 0.07 -22.44 -8.48
CA ILE A 209 -0.50 -23.14 -7.33
C ILE A 209 0.40 -22.97 -6.12
N LEU A 210 1.69 -23.20 -6.30
CA LEU A 210 2.61 -23.24 -5.19
C LEU A 210 2.81 -21.95 -4.46
N HIS A 211 2.59 -20.83 -5.13
CA HIS A 211 2.81 -19.53 -4.50
C HIS A 211 1.56 -18.75 -4.21
N ALA A 212 0.41 -19.42 -4.32
CA ALA A 212 -0.90 -18.76 -4.20
C ALA A 212 -1.14 -18.06 -2.87
N ASP A 213 -0.66 -18.66 -1.77
CA ASP A 213 -0.75 -18.00 -0.46
C ASP A 213 0.33 -18.54 0.44
N HIS A 214 0.78 -17.71 1.38
CA HIS A 214 1.79 -18.16 2.31
C HIS A 214 1.77 -17.26 3.52
N GLU A 215 0.72 -17.46 4.32
CA GLU A 215 0.48 -16.68 5.53
C GLU A 215 0.44 -15.17 5.26
N VAL A 216 1.09 -14.35 6.09
CA VAL A 216 0.91 -12.90 5.97
C VAL A 216 2.20 -12.09 5.86
N PRO A 217 2.87 -12.17 4.70
CA PRO A 217 4.04 -11.35 4.45
C PRO A 217 3.65 -9.90 4.24
N ALA A 218 4.65 -9.06 4.02
CA ALA A 218 4.40 -7.62 3.93
C ALA A 218 3.41 -7.23 2.84
N SER A 219 3.40 -7.96 1.72
CA SER A 219 2.49 -7.60 0.63
C SER A 219 1.04 -7.88 1.05
N THR A 220 0.83 -9.05 1.65
CA THR A 220 -0.50 -9.40 2.15
C THR A 220 -0.93 -8.45 3.28
N PHE A 221 0.04 -8.04 4.10
CA PHE A 221 -0.24 -7.08 5.16
C PHE A 221 -0.64 -5.72 4.58
N ALA A 222 0.10 -5.28 3.55
CA ALA A 222 -0.20 -3.99 2.88
C ALA A 222 -1.63 -4.02 2.38
N ALA A 223 -2.04 -5.12 1.78
CA ALA A 223 -3.42 -5.28 1.29
C ALA A 223 -4.41 -5.14 2.46
N HIS A 224 -4.07 -5.72 3.62
CA HIS A 224 -4.94 -5.58 4.80
C HIS A 224 -5.06 -4.14 5.24
N VAL A 225 -3.93 -3.45 5.29
CA VAL A 225 -3.94 -2.07 5.80
C VAL A 225 -4.82 -1.19 4.90
N VAL A 226 -4.64 -1.33 3.60
CA VAL A 226 -5.41 -0.57 2.65
C VAL A 226 -6.87 -0.98 2.73
N ALA A 227 -7.13 -2.29 2.72
CA ALA A 227 -8.51 -2.76 2.78
C ALA A 227 -9.20 -2.35 4.07
N SER A 228 -8.42 -2.14 5.13
CA SER A 228 -9.00 -1.83 6.45
C SER A 228 -9.74 -0.49 6.50
N THR A 229 -9.43 0.39 5.54
CA THR A 229 -10.09 1.68 5.42
C THR A 229 -11.35 1.58 4.55
N LEU A 230 -11.60 0.36 4.09
CA LEU A 230 -12.67 0.05 3.16
C LEU A 230 -12.37 0.55 1.76
N SER A 231 -11.08 0.77 1.47
CA SER A 231 -10.64 1.10 0.14
C SER A 231 -10.91 -0.12 -0.75
N ASP A 232 -10.91 0.09 -2.04
CA ASP A 232 -11.32 -0.95 -2.94
C ASP A 232 -10.31 -2.06 -3.14
N LEU A 233 -10.79 -3.20 -3.63
CA LEU A 233 -9.95 -4.37 -3.85
C LEU A 233 -8.81 -4.14 -4.81
N TYR A 234 -9.05 -3.38 -5.88
CA TYR A 234 -7.99 -3.10 -6.82
C TYR A 234 -6.89 -2.29 -6.12
N SER A 235 -7.29 -1.26 -5.39
CA SER A 235 -6.30 -0.44 -4.68
C SER A 235 -5.52 -1.25 -3.65
N SER A 236 -6.20 -2.18 -2.99
CA SER A 236 -5.54 -3.04 -2.01
C SER A 236 -4.48 -3.94 -2.70
N VAL A 237 -4.83 -4.45 -3.88
CA VAL A 237 -3.90 -5.26 -4.63
C VAL A 237 -2.73 -4.40 -5.16
N ALA A 238 -3.02 -3.18 -5.61
CA ALA A 238 -1.96 -2.29 -6.07
C ALA A 238 -0.96 -2.05 -4.93
N ALA A 239 -1.46 -1.87 -3.71
CA ALA A 239 -0.61 -1.68 -2.53
C ALA A 239 0.21 -2.94 -2.23
N ALA A 240 -0.42 -4.11 -2.33
CA ALA A 240 0.30 -5.38 -2.13
C ALA A 240 1.47 -5.48 -3.11
N ILE A 241 1.22 -5.12 -4.37
CA ILE A 241 2.26 -5.11 -5.43
C ILE A 241 3.36 -4.13 -5.08
N ALA A 242 2.98 -2.96 -4.59
CA ALA A 242 3.97 -1.96 -4.17
C ALA A 242 4.91 -2.56 -3.13
N ALA A 243 4.36 -3.30 -2.19
CA ALA A 243 5.20 -3.90 -1.17
C ALA A 243 6.04 -5.03 -1.76
N LEU A 244 5.41 -5.84 -2.59
CA LEU A 244 6.06 -7.00 -3.19
C LEU A 244 7.31 -6.61 -3.99
N LYS A 245 7.29 -5.41 -4.55
CA LYS A 245 8.36 -4.89 -5.38
C LYS A 245 9.68 -4.72 -4.63
N GLY A 246 9.62 -4.59 -3.30
CA GLY A 246 10.79 -4.30 -2.48
C GLY A 246 11.74 -5.48 -2.44
N PRO A 247 13.05 -5.22 -2.43
CA PRO A 247 14.02 -6.32 -2.47
C PRO A 247 14.01 -7.27 -1.26
N LEU A 248 13.40 -6.85 -0.15
CA LEU A 248 13.29 -7.70 1.01
C LEU A 248 12.11 -8.67 0.90
N HIS A 249 11.29 -8.49 -0.14
CA HIS A 249 10.12 -9.35 -0.34
C HIS A 249 10.32 -10.35 -1.48
N GLY A 250 11.26 -10.07 -2.38
CA GLY A 250 11.49 -10.95 -3.51
C GLY A 250 12.82 -10.68 -4.17
N GLY A 251 13.16 -11.49 -5.16
CA GLY A 251 14.43 -11.34 -5.87
C GLY A 251 15.33 -12.55 -5.68
N ALA A 252 15.07 -13.34 -4.64
CA ALA A 252 15.90 -14.49 -4.33
C ALA A 252 15.96 -15.52 -5.46
N ASN A 253 14.84 -15.79 -6.12
CA ASN A 253 14.87 -16.80 -7.17
C ASN A 253 15.67 -16.34 -8.38
N GLU A 254 15.64 -15.04 -8.64
CA GLU A 254 16.45 -14.45 -9.68
C GLU A 254 17.92 -14.51 -9.27
N MET A 255 18.22 -14.11 -8.03
CA MET A 255 19.61 -14.09 -7.59
CA MET A 255 19.61 -14.09 -7.54
C MET A 255 20.21 -15.49 -7.53
N ALA A 256 19.39 -16.48 -7.18
CA ALA A 256 19.87 -17.88 -7.17
C ALA A 256 20.36 -18.24 -8.57
N VAL A 257 19.54 -17.95 -9.59
CA VAL A 257 19.91 -18.24 -10.98
C VAL A 257 21.16 -17.49 -11.42
N ARG A 258 21.22 -16.19 -11.17
CA ARG A 258 22.43 -15.44 -11.50
C ARG A 258 23.65 -16.05 -10.81
N ASN A 259 23.49 -16.50 -9.57
CA ASN A 259 24.58 -17.14 -8.84
C ASN A 259 24.99 -18.44 -9.49
N TYR A 260 24.02 -19.24 -9.89
CA TYR A 260 24.35 -20.51 -10.54
C TYR A 260 25.12 -20.22 -11.83
N LEU A 261 24.71 -19.19 -12.56
CA LEU A 261 25.41 -18.84 -13.79
C LEU A 261 26.86 -18.45 -13.51
N GLU A 262 27.07 -17.72 -12.44
CA GLU A 262 28.43 -17.27 -12.07
C GLU A 262 29.28 -18.45 -11.62
N ILE A 263 28.67 -19.34 -10.84
CA ILE A 263 29.36 -20.53 -10.34
C ILE A 263 29.86 -21.37 -11.53
N GLY A 264 28.97 -21.60 -12.48
CA GLY A 264 29.31 -22.24 -13.75
C GLY A 264 29.59 -23.72 -13.76
N THR A 265 30.19 -24.22 -12.68
CA THR A 265 30.56 -25.63 -12.61
C THR A 265 30.05 -26.29 -11.34
N PRO A 266 29.30 -27.39 -11.47
CA PRO A 266 28.83 -28.14 -10.30
C PRO A 266 29.96 -28.62 -9.38
N ALA A 267 31.17 -28.77 -9.93
CA ALA A 267 32.33 -29.20 -9.16
C ALA A 267 32.61 -28.29 -7.95
N LYS A 268 32.16 -27.05 -8.02
CA LYS A 268 32.36 -26.10 -6.94
C LYS A 268 31.37 -26.24 -5.79
N ALA A 269 30.37 -27.11 -5.95
CA ALA A 269 29.34 -27.25 -4.93
C ALA A 269 29.90 -27.50 -3.51
N LYS A 270 30.83 -28.43 -3.40
CA LYS A 270 31.36 -28.76 -2.09
C LYS A 270 32.06 -27.58 -1.43
N GLU A 271 32.90 -26.87 -2.17
CA GLU A 271 33.63 -25.75 -1.58
C GLU A 271 32.69 -24.59 -1.26
N ILE A 272 31.68 -24.38 -2.09
CA ILE A 272 30.71 -23.31 -1.86
C ILE A 272 29.91 -23.56 -0.59
N VAL A 273 29.42 -24.79 -0.44
CA VAL A 273 28.64 -25.14 0.75
C VAL A 273 29.50 -25.13 2.02
N GLU A 274 30.74 -25.58 1.92
CA GLU A 274 31.65 -25.52 3.06
C GLU A 274 31.88 -24.06 3.47
N ALA A 275 32.08 -23.18 2.49
CA ALA A 275 32.32 -21.77 2.76
C ALA A 275 31.12 -21.13 3.46
N ALA A 276 29.93 -21.62 3.16
CA ALA A 276 28.70 -21.08 3.76
C ALA A 276 28.56 -21.43 5.23
N THR A 277 29.33 -22.41 5.70
CA THR A 277 29.29 -22.80 7.11
C THR A 277 30.22 -21.96 7.99
N LYS A 278 30.78 -20.89 7.41
CA LYS A 278 31.71 -20.00 8.12
C LYS A 278 31.23 -18.55 8.02
N PRO A 279 31.49 -17.75 9.08
CA PRO A 279 31.13 -16.34 9.05
C PRO A 279 32.23 -15.49 8.42
N GLY A 280 31.95 -14.80 7.32
CA GLY A 280 30.63 -14.79 6.70
C GLY A 280 30.65 -13.98 5.41
N GLY A 281 30.55 -14.63 4.25
CA GLY A 281 30.44 -16.09 4.16
C GLY A 281 31.01 -16.60 2.85
N PRO A 282 30.26 -16.43 1.75
CA PRO A 282 28.94 -15.83 1.69
C PRO A 282 27.83 -16.85 1.98
N LYS A 283 26.58 -16.44 1.82
CA LYS A 283 25.45 -17.33 2.09
C LYS A 283 24.76 -17.81 0.82
N LEU A 284 24.26 -19.04 0.90
CA LEU A 284 23.59 -19.70 -0.21
C LEU A 284 22.19 -19.13 -0.39
N MET A 285 21.86 -18.70 -1.61
CA MET A 285 20.54 -18.22 -1.93
C MET A 285 19.53 -19.37 -1.87
N GLY A 286 18.36 -19.10 -1.32
CA GLY A 286 17.31 -20.09 -1.25
C GLY A 286 17.56 -21.25 -0.30
N VAL A 287 18.44 -21.04 0.68
CA VAL A 287 18.69 -22.05 1.70
C VAL A 287 18.37 -21.41 3.04
N GLY A 288 17.56 -22.11 3.82
CA GLY A 288 17.10 -21.57 5.10
C GLY A 288 15.81 -20.81 4.90
N HIS A 289 15.03 -20.69 5.98
CA HIS A 289 13.76 -20.01 5.91
C HIS A 289 13.34 -19.61 7.32
N ARG A 290 12.66 -18.49 7.43
CA ARG A 290 12.21 -17.98 8.72
C ARG A 290 11.14 -18.89 9.33
N VAL A 291 10.39 -19.58 8.48
CA VAL A 291 9.34 -20.48 8.94
C VAL A 291 9.71 -21.96 8.77
N TYR A 292 10.08 -22.35 7.54
CA TYR A 292 10.44 -23.74 7.30
C TYR A 292 11.78 -24.13 7.94
N LYS A 293 11.71 -25.14 8.81
CA LYS A 293 12.90 -25.71 9.45
C LYS A 293 12.96 -27.15 8.95
N ALA A 294 12.67 -27.28 7.68
CA ALA A 294 12.59 -28.53 6.96
C ALA A 294 12.57 -28.13 5.50
N TYR A 295 12.68 -29.11 4.62
CA TYR A 295 12.66 -28.83 3.21
C TYR A 295 11.31 -28.17 2.91
N ASP A 296 11.35 -27.04 2.23
CA ASP A 296 10.14 -26.32 1.82
C ASP A 296 9.37 -27.28 0.92
N PRO A 297 8.10 -27.56 1.26
CA PRO A 297 7.35 -28.51 0.45
C PRO A 297 7.17 -28.04 -0.99
N ARG A 298 7.10 -26.73 -1.15
CA ARG A 298 6.92 -26.15 -2.47
C ARG A 298 8.20 -26.40 -3.26
N ALA A 299 9.33 -26.36 -2.57
CA ALA A 299 10.63 -26.55 -3.23
C ALA A 299 10.80 -27.98 -3.73
N LYS A 300 10.36 -28.94 -2.92
CA LYS A 300 10.45 -30.36 -3.26
C LYS A 300 9.68 -30.64 -4.55
N ILE A 301 8.47 -30.08 -4.61
CA ILE A 301 7.62 -30.26 -5.75
C ILE A 301 8.16 -29.55 -6.97
N PHE A 302 8.61 -28.31 -6.81
CA PHE A 302 9.07 -27.56 -7.97
C PHE A 302 10.39 -28.10 -8.51
N LYS A 303 11.22 -28.63 -7.61
CA LYS A 303 12.47 -29.29 -8.02
C LYS A 303 12.17 -30.41 -9.02
N GLU A 304 11.17 -31.24 -8.69
CA GLU A 304 10.81 -32.36 -9.56
C GLU A 304 10.28 -31.89 -10.89
N PHE A 305 9.47 -30.84 -10.90
CA PHE A 305 9.05 -30.27 -12.16
C PHE A 305 10.28 -29.80 -12.96
N SER A 306 11.20 -29.11 -12.29
CA SER A 306 12.38 -28.58 -12.96
C SER A 306 13.19 -29.71 -13.58
N ARG A 307 13.27 -30.83 -12.88
CA ARG A 307 13.96 -32.00 -13.38
C ARG A 307 13.33 -32.44 -14.70
N ASP A 308 12.00 -32.53 -14.71
CA ASP A 308 11.25 -32.88 -15.92
C ASP A 308 11.49 -31.90 -17.05
N TYR A 309 11.51 -30.61 -16.71
CA TYR A 309 11.69 -29.60 -17.72
C TYR A 309 13.04 -29.73 -18.41
N VAL A 310 14.10 -29.88 -17.63
CA VAL A 310 15.43 -29.97 -18.24
C VAL A 310 15.66 -31.33 -18.90
N ALA A 311 14.94 -32.36 -18.45
CA ALA A 311 15.04 -33.68 -19.10
C ALA A 311 14.52 -33.52 -20.53
N LYS A 312 13.47 -32.73 -20.72
CA LYS A 312 12.91 -32.51 -22.04
C LYS A 312 13.65 -31.49 -22.89
N PHE A 313 13.91 -30.32 -22.32
CA PHE A 313 14.47 -29.21 -23.07
C PHE A 313 15.98 -29.03 -22.89
N GLY A 314 16.58 -29.80 -22.02
CA GLY A 314 18.00 -29.68 -21.76
C GLY A 314 18.30 -28.69 -20.66
N ASP A 315 19.57 -28.64 -20.27
CA ASP A 315 20.03 -27.79 -19.19
C ASP A 315 21.25 -27.05 -19.74
N PRO A 316 21.05 -26.23 -20.78
CA PRO A 316 22.16 -25.58 -21.52
C PRO A 316 23.08 -24.67 -20.72
N GLN A 317 22.55 -24.06 -19.66
CA GLN A 317 23.37 -23.23 -18.79
C GLN A 317 23.75 -23.96 -17.50
N ASN A 318 23.44 -25.26 -17.45
CA ASN A 318 23.79 -26.14 -16.34
C ASN A 318 23.20 -25.71 -14.99
N LEU A 319 22.10 -24.96 -15.06
CA LEU A 319 21.48 -24.45 -13.85
C LEU A 319 20.98 -25.57 -12.96
N PHE A 320 20.34 -26.56 -13.56
CA PHE A 320 19.80 -27.65 -12.75
C PHE A 320 20.94 -28.51 -12.15
N ALA A 321 21.97 -28.75 -12.96
CA ALA A 321 23.13 -29.52 -12.52
C ALA A 321 23.83 -28.83 -11.35
N ILE A 322 24.02 -27.51 -11.47
CA ILE A 322 24.67 -26.72 -10.43
C ILE A 322 23.81 -26.69 -9.16
N ALA A 323 22.54 -26.35 -9.32
CA ALA A 323 21.63 -26.33 -8.18
C ALA A 323 21.54 -27.69 -7.51
N SER A 324 21.46 -28.76 -8.29
CA SER A 324 21.41 -30.12 -7.73
C SER A 324 22.66 -30.49 -6.92
N ALA A 325 23.82 -30.11 -7.44
CA ALA A 325 25.09 -30.38 -6.77
C ALA A 325 25.15 -29.67 -5.42
N ILE A 326 24.73 -28.41 -5.43
CA ILE A 326 24.71 -27.62 -4.22
C ILE A 326 23.70 -28.20 -3.24
N GLU A 327 22.53 -28.54 -3.73
CA GLU A 327 21.50 -29.13 -2.88
C GLU A 327 22.01 -30.37 -2.17
N GLN A 328 22.63 -31.28 -2.92
CA GLN A 328 23.15 -32.52 -2.35
C GLN A 328 24.15 -32.26 -1.23
N GLU A 329 25.01 -31.27 -1.42
CA GLU A 329 26.00 -30.92 -0.42
C GLU A 329 25.34 -30.34 0.81
N VAL A 330 24.35 -29.46 0.61
CA VAL A 330 23.61 -28.88 1.72
C VAL A 330 22.93 -29.96 2.56
N LEU A 331 22.32 -30.94 1.89
CA LEU A 331 21.59 -31.99 2.58
C LEU A 331 22.48 -33.01 3.30
N SER A 332 23.73 -33.12 2.87
CA SER A 332 24.67 -34.08 3.46
C SER A 332 25.61 -33.46 4.48
N HIS A 333 25.63 -32.13 4.55
CA HIS A 333 26.52 -31.43 5.47
C HIS A 333 25.79 -31.33 6.80
N PRO A 334 26.38 -31.89 7.87
CA PRO A 334 25.74 -31.91 9.20
C PRO A 334 25.33 -30.53 9.67
N TYR A 335 26.18 -29.55 9.42
CA TYR A 335 25.94 -28.16 9.80
C TYR A 335 24.54 -27.69 9.45
N PHE A 336 24.15 -27.87 8.20
CA PHE A 336 22.85 -27.40 7.74
C PHE A 336 21.71 -28.18 8.36
N GLN A 337 21.89 -29.49 8.44
CA GLN A 337 20.91 -30.39 9.04
C GLN A 337 20.64 -29.95 10.49
N GLN A 338 21.74 -29.74 11.23
CA GLN A 338 21.67 -29.35 12.64
C GLN A 338 21.02 -27.98 12.90
N ARG A 339 21.16 -27.06 11.94
CA ARG A 339 20.59 -25.73 12.05
C ARG A 339 19.29 -25.57 11.27
N LYS A 340 18.77 -26.69 10.79
CA LYS A 340 17.49 -26.75 10.07
C LYS A 340 17.49 -25.81 8.86
N LEU A 341 18.60 -25.80 8.15
CA LEU A 341 18.73 -24.98 6.95
C LEU A 341 18.55 -25.88 5.73
N TYR A 342 17.44 -25.71 5.04
CA TYR A 342 17.12 -26.51 3.86
C TYR A 342 16.81 -25.60 2.67
N PRO A 343 16.85 -26.19 1.47
CA PRO A 343 16.44 -25.39 0.34
C PRO A 343 14.98 -24.95 0.47
N ASN A 344 14.73 -23.73 0.02
CA ASN A 344 13.37 -23.23 -0.08
C ASN A 344 13.03 -23.07 -1.57
N VAL A 345 11.77 -22.75 -1.86
CA VAL A 345 11.34 -22.75 -3.26
C VAL A 345 12.21 -21.85 -4.16
N ASP A 346 12.75 -20.77 -3.61
CA ASP A 346 13.56 -19.83 -4.38
C ASP A 346 14.86 -20.49 -4.92
N PHE A 347 15.28 -21.55 -4.26
CA PHE A 347 16.49 -22.27 -4.66
C PHE A 347 16.33 -22.84 -6.07
N TRP A 348 15.10 -23.15 -6.45
CA TRP A 348 14.81 -23.83 -7.70
C TRP A 348 13.98 -23.07 -8.71
N SER A 349 13.05 -22.23 -8.22
CA SER A 349 12.00 -21.70 -9.09
C SER A 349 12.36 -20.77 -10.24
N GLY A 350 13.55 -20.18 -10.22
CA GLY A 350 13.97 -19.31 -11.33
C GLY A 350 14.53 -20.05 -12.51
N ILE A 351 14.86 -21.32 -12.32
CA ILE A 351 15.52 -22.11 -13.37
C ILE A 351 14.63 -22.32 -14.60
N ALA A 352 13.43 -22.82 -14.37
CA ALA A 352 12.51 -23.05 -15.47
C ALA A 352 12.16 -21.74 -16.15
N PHE A 353 11.87 -20.68 -15.36
CA PHE A 353 11.51 -19.39 -15.96
C PHE A 353 12.63 -18.92 -16.87
N TYR A 354 13.85 -19.00 -16.37
CA TYR A 354 15.02 -18.57 -17.14
C TYR A 354 15.06 -19.32 -18.48
N TYR A 355 14.90 -20.64 -18.43
CA TYR A 355 14.97 -21.45 -19.63
C TYR A 355 13.79 -21.23 -20.57
N MET A 356 12.64 -20.85 -20.00
CA MET A 356 11.44 -20.53 -20.77
C MET A 356 11.54 -19.18 -21.49
N GLY A 357 12.58 -18.41 -21.18
CA GLY A 357 12.79 -17.12 -21.83
C GLY A 357 12.08 -15.98 -21.12
N ILE A 358 11.66 -16.23 -19.89
CA ILE A 358 11.02 -15.17 -19.10
C ILE A 358 12.13 -14.33 -18.52
N PRO A 359 12.16 -13.03 -18.86
CA PRO A 359 13.21 -12.17 -18.31
C PRO A 359 13.15 -12.09 -16.78
N TYR A 360 14.28 -11.86 -16.14
CA TYR A 360 14.35 -11.81 -14.69
C TYR A 360 13.35 -10.84 -14.08
N GLU A 361 13.19 -9.68 -14.71
CA GLU A 361 12.32 -8.64 -14.17
CA GLU A 361 12.32 -8.65 -14.16
C GLU A 361 10.84 -9.04 -14.16
N TYR A 362 10.52 -10.15 -14.83
CA TYR A 362 9.14 -10.67 -14.84
C TYR A 362 8.93 -11.77 -13.79
N PHE A 363 9.98 -12.17 -13.09
CA PHE A 363 9.86 -13.21 -12.06
C PHE A 363 8.90 -12.78 -10.96
N THR A 364 9.11 -11.59 -10.42
CA THR A 364 8.25 -11.10 -9.34
C THR A 364 6.82 -10.82 -9.83
N PRO A 365 6.67 -10.23 -11.02
CA PRO A 365 5.32 -10.14 -11.57
C PRO A 365 4.59 -11.49 -11.64
N ILE A 366 5.29 -12.56 -12.00
CA ILE A 366 4.65 -13.89 -12.02
C ILE A 366 4.27 -14.33 -10.59
N PHE A 367 5.10 -14.02 -9.61
CA PHE A 367 4.73 -14.28 -8.22
C PHE A 367 3.39 -13.56 -7.90
N ALA A 368 3.26 -12.30 -8.31
CA ALA A 368 2.01 -11.53 -8.14
C ALA A 368 0.83 -12.25 -8.82
N MET A 369 1.06 -12.79 -10.02
CA MET A 369 0.01 -13.55 -10.72
C MET A 369 -0.46 -14.73 -9.87
N SER A 370 0.44 -15.33 -9.12
CA SER A 370 0.07 -16.41 -8.24
C SER A 370 -0.64 -15.91 -6.97
N ARG A 371 0.06 -15.03 -6.28
CA ARG A 371 -0.35 -14.56 -4.96
C ARG A 371 -1.58 -13.67 -4.92
N VAL A 372 -1.96 -13.13 -6.06
CA VAL A 372 -3.12 -12.24 -6.10
C VAL A 372 -4.35 -12.93 -5.50
N VAL A 373 -4.48 -14.24 -5.70
CA VAL A 373 -5.64 -14.90 -5.12
C VAL A 373 -5.58 -14.91 -3.59
N GLY A 374 -4.39 -15.13 -3.03
CA GLY A 374 -4.22 -15.06 -1.59
C GLY A 374 -4.54 -13.65 -1.10
N TRP A 375 -4.05 -12.64 -1.79
CA TRP A 375 -4.28 -11.28 -1.36
C TRP A 375 -5.76 -10.98 -1.29
N VAL A 376 -6.49 -11.25 -2.37
CA VAL A 376 -7.93 -10.94 -2.39
C VAL A 376 -8.70 -11.79 -1.36
N ALA A 377 -8.32 -13.06 -1.21
CA ALA A 377 -8.98 -13.92 -0.22
C ALA A 377 -8.77 -13.34 1.19
N HIS A 378 -7.55 -12.88 1.44
CA HIS A 378 -7.22 -12.32 2.75
C HIS A 378 -8.00 -11.05 3.03
N VAL A 379 -8.15 -10.20 2.01
CA VAL A 379 -8.94 -8.98 2.15
C VAL A 379 -10.39 -9.32 2.48
N LEU A 380 -10.98 -10.20 1.69
CA LEU A 380 -12.38 -10.58 1.91
C LEU A 380 -12.55 -11.18 3.30
N GLU A 381 -11.60 -11.98 3.73
CA GLU A 381 -11.65 -12.55 5.06
C GLU A 381 -11.64 -11.46 6.13
N TYR A 382 -10.75 -10.48 5.98
CA TYR A 382 -10.66 -9.40 6.95
C TYR A 382 -11.97 -8.61 6.99
N TRP A 383 -12.55 -8.39 5.83
CA TRP A 383 -13.80 -7.66 5.72
C TRP A 383 -14.98 -8.34 6.40
N GLU A 384 -14.83 -9.61 6.78
CA GLU A 384 -15.88 -10.26 7.58
C GLU A 384 -15.94 -9.68 8.99
N ASN A 385 -14.88 -9.01 9.41
CA ASN A 385 -14.85 -8.35 10.72
C ASN A 385 -13.80 -7.25 10.60
N ASN A 386 -14.12 -6.25 9.80
CA ASN A 386 -13.15 -5.22 9.51
C ASN A 386 -12.90 -4.29 10.67
N ARG A 387 -11.65 -3.89 10.83
CA ARG A 387 -11.31 -2.83 11.76
C ARG A 387 -10.17 -2.06 11.12
N ILE A 388 -10.31 -0.74 11.00
CA ILE A 388 -9.23 0.06 10.45
C ILE A 388 -7.99 -0.06 11.33
N PHE A 389 -6.83 -0.18 10.67
CA PHE A 389 -5.57 -0.25 11.42
C PHE A 389 -5.26 1.12 12.02
N ARG A 390 -4.95 1.11 13.31
CA ARG A 390 -4.69 2.33 14.08
CA ARG A 390 -4.65 2.35 14.04
C ARG A 390 -3.43 2.22 14.95
N PRO A 391 -2.28 1.91 14.35
CA PRO A 391 -1.07 1.82 15.14
C PRO A 391 -0.64 3.23 15.52
N ARG A 392 0.45 3.34 16.26
CA ARG A 392 0.92 4.66 16.63
C ARG A 392 2.42 4.67 16.74
N ALA A 393 2.97 5.87 16.87
CA ALA A 393 4.40 6.03 17.04
C ALA A 393 4.55 6.82 18.31
N CYS A 394 5.71 6.69 18.93
CA CYS A 394 6.00 7.39 20.17
C CYS A 394 6.97 8.53 19.91
N TYR A 395 6.56 9.75 20.22
CA TYR A 395 7.43 10.88 19.99
C TYR A 395 8.56 10.98 21.00
N ILE A 396 9.76 11.16 20.46
CA ILE A 396 10.96 11.41 21.23
C ILE A 396 11.65 12.61 20.59
N GLY A 397 11.67 13.72 21.30
CA GLY A 397 12.26 14.91 20.75
C GLY A 397 11.87 16.14 21.53
N PRO A 398 12.27 17.31 21.03
CA PRO A 398 12.00 18.55 21.75
C PRO A 398 10.57 19.05 21.62
N HIS A 399 10.23 19.99 22.48
CA HIS A 399 8.93 20.65 22.44
C HIS A 399 9.16 22.13 22.64
N ASP A 400 8.32 22.95 22.01
CA ASP A 400 8.34 24.39 22.21
C ASP A 400 9.61 25.08 21.74
N LEU A 401 10.12 24.65 20.60
CA LEU A 401 11.26 25.31 20.00
C LEU A 401 10.77 26.67 19.53
N GLN A 402 11.64 27.67 19.61
CA GLN A 402 11.30 29.02 19.22
C GLN A 402 11.55 29.27 17.75
N TYR A 403 10.51 29.66 17.01
CA TYR A 403 10.64 30.01 15.61
C TYR A 403 11.54 31.23 15.49
N ILE A 404 12.56 31.11 14.65
CA ILE A 404 13.50 32.19 14.40
C ILE A 404 13.26 32.67 12.99
N PRO A 405 13.15 33.99 12.81
CA PRO A 405 12.94 34.53 11.48
C PRO A 405 14.02 34.05 10.51
N LEU A 406 13.62 33.84 9.26
CA LEU A 406 14.49 33.33 8.22
C LEU A 406 15.89 33.96 8.18
N GLU A 407 15.92 35.30 8.12
CA GLU A 407 17.19 36.02 7.99
C GLU A 407 18.16 35.84 9.15
N GLN A 408 17.69 35.33 10.27
CA GLN A 408 18.54 35.17 11.46
C GLN A 408 19.04 33.74 11.69
N ARG A 409 18.72 32.82 10.77
CA ARG A 409 19.14 31.44 10.91
C ARG A 409 20.51 31.17 10.28
N GLU B 3 11.48 -16.47 21.88
CA GLU B 3 10.10 -15.92 22.00
C GLU B 3 9.88 -15.32 23.39
N GLN B 4 9.26 -14.14 23.42
CA GLN B 4 8.98 -13.46 24.68
C GLN B 4 7.60 -12.82 24.66
N THR B 5 7.07 -12.52 25.85
CA THR B 5 5.76 -11.91 25.97
C THR B 5 5.94 -10.44 26.29
N VAL B 6 5.12 -9.61 25.67
CA VAL B 6 5.19 -8.17 25.82
C VAL B 6 3.84 -7.65 26.28
N GLN B 7 3.86 -6.71 27.23
CA GLN B 7 2.63 -6.09 27.72
C GLN B 7 2.35 -4.84 26.89
N VAL B 8 1.26 -4.90 26.11
CA VAL B 8 0.89 -3.80 25.24
C VAL B 8 -0.41 -3.17 25.69
N LYS B 9 -0.38 -1.87 25.94
CA LYS B 9 -1.57 -1.15 26.35
C LYS B 9 -2.34 -0.72 25.11
N THR B 10 -3.64 -0.94 25.14
CA THR B 10 -4.51 -0.56 24.03
C THR B 10 -5.87 -0.11 24.54
N THR B 11 -6.46 0.83 23.83
CA THR B 11 -7.80 1.30 24.14
C THR B 11 -8.76 0.63 23.17
N GLY B 12 -8.23 -0.24 22.32
CA GLY B 12 -9.02 -0.91 21.29
C GLY B 12 -9.71 -2.17 21.76
N LYS B 13 -10.30 -2.87 20.81
CA LYS B 13 -11.02 -4.10 21.11
C LYS B 13 -10.12 -5.30 20.86
N ILE B 14 -10.24 -6.28 21.75
CA ILE B 14 -9.43 -7.49 21.67
C ILE B 14 -10.30 -8.65 21.21
N LEU B 15 -9.78 -9.43 20.26
CA LEU B 15 -10.49 -10.61 19.76
C LEU B 15 -9.81 -11.85 20.33
N GLN B 16 -10.62 -12.84 20.70
CA GLN B 16 -10.09 -14.06 21.26
C GLN B 16 -9.63 -14.99 20.14
N SER B 17 -8.48 -15.62 20.35
CA SER B 17 -8.05 -16.62 19.40
C SER B 17 -7.27 -17.68 20.14
N PRO B 18 -7.18 -18.89 19.55
CA PRO B 18 -6.38 -19.95 20.14
C PRO B 18 -4.91 -19.58 20.26
N CYS B 19 -4.48 -18.61 19.46
CA CYS B 19 -3.09 -18.19 19.44
C CYS B 19 -2.82 -17.05 20.45
N GLY B 20 -3.87 -16.62 21.13
CA GLY B 20 -3.78 -15.52 22.09
C GLY B 20 -4.64 -14.35 21.64
N PRO B 21 -4.78 -13.35 22.50
CA PRO B 21 -5.59 -12.19 22.17
C PRO B 21 -5.04 -11.43 20.96
N ILE B 22 -5.96 -10.93 20.15
CA ILE B 22 -5.63 -10.15 18.98
C ILE B 22 -6.16 -8.73 19.17
N ILE B 23 -5.27 -7.75 19.07
CA ILE B 23 -5.67 -6.36 19.18
C ILE B 23 -6.23 -5.94 17.82
N HIS B 24 -7.53 -5.75 17.75
CA HIS B 24 -8.21 -5.53 16.48
C HIS B 24 -7.73 -4.21 15.84
N GLY B 25 -7.20 -4.32 14.62
CA GLY B 25 -6.67 -3.17 13.90
C GLY B 25 -5.36 -2.67 14.51
N LEU B 26 -4.77 -3.50 15.37
CA LEU B 26 -3.53 -3.13 16.07
C LEU B 26 -3.65 -1.74 16.70
N GLU B 27 -4.84 -1.45 17.21
CA GLU B 27 -5.10 -0.15 17.79
C GLU B 27 -4.16 0.17 18.94
N ASP B 28 -3.44 1.27 18.78
CA ASP B 28 -2.50 1.77 19.79
C ASP B 28 -1.18 1.01 19.86
N VAL B 29 -1.00 0.00 19.01
CA VAL B 29 0.26 -0.74 19.02
C VAL B 29 1.33 0.14 18.40
N LEU B 30 2.46 0.22 19.06
CA LEU B 30 3.58 1.05 18.63
C LEU B 30 4.36 0.37 17.52
N ILE B 31 4.77 1.13 16.51
CA ILE B 31 5.57 0.58 15.43
C ILE B 31 6.97 1.20 15.39
N LYS B 32 7.12 2.33 16.07
CA LYS B 32 8.41 3.00 16.13
C LYS B 32 8.31 4.21 17.06
N SER B 33 9.47 4.77 17.35
CA SER B 33 9.53 6.07 17.97
C SER B 33 9.74 7.04 16.80
N THR B 34 9.30 8.28 16.97
CA THR B 34 9.38 9.26 15.92
C THR B 34 9.74 10.60 16.49
N SER B 35 10.35 11.43 15.65
CA SER B 35 10.66 12.80 16.02
C SER B 35 9.95 13.75 15.05
N ILE B 36 8.99 13.24 14.30
CA ILE B 36 8.33 14.05 13.29
C ILE B 36 7.30 15.02 13.86
N SER B 37 6.34 14.49 14.60
CA SER B 37 5.30 15.31 15.19
C SER B 37 4.84 14.70 16.49
N ASP B 38 4.25 15.55 17.34
CA ASP B 38 3.72 15.10 18.61
C ASP B 38 2.42 15.81 18.86
N ILE B 39 1.54 15.14 19.58
CA ILE B 39 0.26 15.70 19.98
C ILE B 39 0.09 15.54 21.48
N ASP B 40 -0.32 16.60 22.15
CA ASP B 40 -0.74 16.50 23.55
C ASP B 40 -2.25 16.60 23.44
N GLY B 41 -2.90 15.45 23.49
CA GLY B 41 -4.35 15.37 23.36
C GLY B 41 -5.12 16.06 24.47
N GLU B 42 -4.55 16.07 25.68
CA GLU B 42 -5.21 16.69 26.84
C GLU B 42 -5.23 18.20 26.77
N LYS B 43 -4.11 18.78 26.37
CA LYS B 43 -3.99 20.22 26.26
C LYS B 43 -4.37 20.74 24.87
N GLY B 44 -4.41 19.85 23.89
CA GLY B 44 -4.74 20.24 22.53
C GLY B 44 -3.62 21.00 21.87
N ILE B 45 -2.44 20.40 21.89
CA ILE B 45 -1.24 21.00 21.31
C ILE B 45 -0.66 20.06 20.28
N LEU B 46 -0.25 20.63 19.14
CA LEU B 46 0.38 19.88 18.08
C LEU B 46 1.73 20.53 17.78
N TRP B 47 2.77 19.69 17.69
CA TRP B 47 4.09 20.15 17.29
C TRP B 47 4.57 19.39 16.06
N TYR B 48 5.27 20.11 15.20
CA TYR B 48 6.01 19.53 14.08
C TYR B 48 7.49 19.77 14.36
N ARG B 49 8.25 18.69 14.52
CA ARG B 49 9.69 18.80 14.75
C ARG B 49 9.99 19.79 15.88
N GLY B 50 9.17 19.74 16.93
CA GLY B 50 9.39 20.58 18.10
C GLY B 50 8.73 21.93 18.09
N TYR B 51 8.20 22.37 16.93
CA TYR B 51 7.54 23.67 16.80
C TYR B 51 6.01 23.56 16.89
N ARG B 52 5.40 24.42 17.70
CA ARG B 52 3.96 24.37 17.82
C ARG B 52 3.30 24.79 16.51
N ILE B 53 2.21 24.12 16.18
CA ILE B 53 1.49 24.38 14.93
C ILE B 53 1.03 25.85 14.85
N GLU B 54 0.67 26.44 15.99
CA GLU B 54 0.25 27.85 16.00
C GLU B 54 1.32 28.76 15.42
N GLU B 55 2.56 28.52 15.82
CA GLU B 55 3.68 29.36 15.36
C GLU B 55 3.92 29.17 13.87
N LEU B 56 3.88 27.92 13.42
CA LEU B 56 4.08 27.62 12.03
C LEU B 56 2.95 28.17 11.17
N ALA B 57 1.71 28.02 11.63
CA ALA B 57 0.57 28.51 10.86
C ALA B 57 0.67 30.02 10.75
N ARG B 58 1.13 30.64 11.82
CA ARG B 58 1.24 32.09 11.87
C ARG B 58 2.39 32.64 11.05
N LEU B 59 3.54 31.98 11.12
CA LEU B 59 4.76 32.56 10.57
C LEU B 59 5.36 31.89 9.37
N SER B 60 4.87 30.70 9.03
CA SER B 60 5.49 29.90 8.00
C SER B 60 4.65 29.74 6.74
N THR B 61 5.13 28.90 5.84
CA THR B 61 4.47 28.58 4.57
C THR B 61 4.59 27.08 4.40
N TYR B 62 3.82 26.50 3.47
CA TYR B 62 3.97 25.06 3.26
C TYR B 62 5.38 24.75 2.77
N GLU B 63 5.97 25.63 1.97
CA GLU B 63 7.35 25.38 1.54
C GLU B 63 8.27 25.20 2.75
N GLU B 64 8.22 26.14 3.67
CA GLU B 64 9.08 26.07 4.85
C GLU B 64 8.71 24.93 5.79
N VAL B 65 7.42 24.71 6.01
CA VAL B 65 6.97 23.65 6.88
C VAL B 65 7.32 22.27 6.29
N SER B 66 7.18 22.14 4.97
CA SER B 66 7.53 20.88 4.33
C SER B 66 9.05 20.63 4.48
N TYR B 67 9.87 21.68 4.34
CA TYR B 67 11.30 21.55 4.56
C TYR B 67 11.52 21.07 6.01
N LEU B 68 10.85 21.72 6.96
CA LEU B 68 10.98 21.36 8.38
C LEU B 68 10.64 19.89 8.64
N ILE B 69 9.48 19.46 8.15
CA ILE B 69 9.06 18.09 8.35
C ILE B 69 10.03 17.10 7.70
N LEU B 70 10.48 17.40 6.49
CA LEU B 70 11.37 16.49 5.79
C LEU B 70 12.78 16.44 6.41
N TYR B 71 13.35 17.60 6.65
CA TYR B 71 14.75 17.69 7.11
C TYR B 71 14.96 17.74 8.62
N GLY B 72 13.91 18.10 9.35
CA GLY B 72 13.97 18.06 10.80
C GLY B 72 14.31 19.36 11.47
N ARG B 73 14.56 20.40 10.67
CA ARG B 73 14.87 21.71 11.22
C ARG B 73 14.45 22.79 10.24
N LEU B 74 14.43 24.02 10.73
CA LEU B 74 14.12 25.15 9.88
C LEU B 74 15.27 25.41 8.93
N PRO B 75 14.95 25.78 7.67
CA PRO B 75 16.02 26.06 6.74
C PRO B 75 16.65 27.43 6.93
N THR B 76 17.90 27.56 6.53
CA THR B 76 18.50 28.87 6.48
C THR B 76 17.90 29.54 5.25
N LYS B 77 18.17 30.83 5.10
CA LYS B 77 17.67 31.58 3.96
C LYS B 77 18.10 30.92 2.64
N ARG B 78 19.39 30.57 2.52
CA ARG B 78 19.90 29.93 1.33
C ARG B 78 19.28 28.54 1.10
N GLU B 79 19.14 27.76 2.17
CA GLU B 79 18.52 26.43 2.07
C GLU B 79 17.09 26.53 1.58
N LEU B 80 16.35 27.51 2.10
CA LEU B 80 14.95 27.66 1.67
C LEU B 80 14.86 28.12 0.22
N GLU B 81 15.69 29.06 -0.18
CA GLU B 81 15.68 29.51 -1.55
C GLU B 81 15.99 28.37 -2.53
N ASP B 82 17.03 27.60 -2.23
CA ASP B 82 17.42 26.48 -3.08
C ASP B 82 16.32 25.42 -3.12
N TYR B 83 15.73 25.17 -1.97
CA TYR B 83 14.64 24.19 -1.87
C TYR B 83 13.44 24.62 -2.70
N ILE B 84 13.05 25.88 -2.57
CA ILE B 84 11.92 26.41 -3.32
C ILE B 84 12.16 26.29 -4.82
N ASN B 85 13.39 26.60 -5.25
CA ASN B 85 13.74 26.48 -6.66
C ASN B 85 13.72 25.03 -7.14
N ARG B 86 14.20 24.10 -6.33
CA ARG B 86 14.16 22.69 -6.72
C ARG B 86 12.72 22.23 -6.82
N MET B 87 11.92 22.58 -5.84
CA MET B 87 10.50 22.19 -5.82
C MET B 87 9.77 22.71 -7.05
N LYS B 88 10.04 23.97 -7.40
CA LYS B 88 9.41 24.54 -8.60
C LYS B 88 9.74 23.74 -9.86
N LYS B 89 11.01 23.37 -10.00
CA LYS B 89 11.44 22.59 -11.14
C LYS B 89 10.77 21.21 -11.14
N TYR B 90 10.59 20.64 -9.95
CA TYR B 90 10.01 19.32 -9.82
C TYR B 90 8.51 19.25 -10.05
N ARG B 91 7.82 20.39 -10.01
CA ARG B 91 6.35 20.37 -10.16
C ARG B 91 5.85 19.67 -11.41
N GLU B 92 6.57 19.82 -12.52
CA GLU B 92 6.10 19.23 -13.77
C GLU B 92 6.24 17.72 -13.78
N LEU B 93 5.24 17.08 -14.39
CA LEU B 93 5.19 15.64 -14.49
C LEU B 93 5.79 15.17 -15.81
N HIS B 94 6.20 13.90 -15.80
CA HIS B 94 6.72 13.24 -16.98
C HIS B 94 5.56 13.07 -17.97
N PRO B 95 5.83 13.17 -19.27
CA PRO B 95 4.71 13.02 -20.21
C PRO B 95 3.91 11.73 -20.05
N ALA B 96 4.56 10.62 -19.68
CA ALA B 96 3.85 9.34 -19.49
C ALA B 96 2.86 9.48 -18.33
N THR B 97 3.26 10.20 -17.29
CA THR B 97 2.40 10.41 -16.13
C THR B 97 1.15 11.19 -16.54
N VAL B 98 1.35 12.24 -17.32
CA VAL B 98 0.24 13.06 -17.78
C VAL B 98 -0.70 12.20 -18.64
N GLU B 99 -0.15 11.31 -19.46
CA GLU B 99 -1.00 10.41 -20.26
C GLU B 99 -1.78 9.44 -19.37
N VAL B 100 -1.15 8.96 -18.31
CA VAL B 100 -1.85 8.10 -17.36
C VAL B 100 -3.04 8.86 -16.77
N ILE B 101 -2.80 10.09 -16.33
CA ILE B 101 -3.88 10.93 -15.79
C ILE B 101 -4.99 11.14 -16.82
N ARG B 102 -4.61 11.42 -18.06
CA ARG B 102 -5.57 11.65 -19.12
C ARG B 102 -6.45 10.41 -19.28
N ASN B 103 -5.81 9.24 -19.31
CA ASN B 103 -6.57 8.00 -19.46
C ASN B 103 -7.55 7.75 -18.32
N LEU B 104 -7.23 8.31 -17.16
CA LEU B 104 -8.07 8.17 -15.98
C LEU B 104 -8.87 9.43 -15.69
N ALA B 105 -9.04 10.27 -16.71
CA ALA B 105 -9.75 11.54 -16.54
C ALA B 105 -11.21 11.36 -16.11
N LYS B 106 -11.83 10.27 -16.56
CA LYS B 106 -13.23 10.02 -16.26
C LYS B 106 -13.41 9.18 -15.00
N ALA B 107 -12.29 8.81 -14.38
CA ALA B 107 -12.31 8.02 -13.16
C ALA B 107 -12.24 8.92 -11.93
N HIS B 108 -12.48 8.31 -10.78
CA HIS B 108 -12.38 9.04 -9.53
C HIS B 108 -10.95 9.52 -9.37
N PRO B 109 -10.77 10.75 -8.87
CA PRO B 109 -9.41 11.26 -8.76
C PRO B 109 -8.41 10.41 -7.99
N MET B 110 -8.86 9.74 -6.94
CA MET B 110 -7.94 8.94 -6.13
C MET B 110 -7.31 7.79 -6.92
N PHE B 111 -8.04 7.20 -7.88
CA PHE B 111 -7.42 6.19 -8.74
C PHE B 111 -6.34 6.82 -9.59
N ALA B 112 -6.62 8.02 -10.10
CA ALA B 112 -5.66 8.76 -10.92
C ALA B 112 -4.43 9.09 -10.09
N LEU B 113 -4.61 9.49 -8.83
CA LEU B 113 -3.46 9.78 -7.98
C LEU B 113 -2.60 8.55 -7.78
N GLU B 114 -3.21 7.42 -7.43
CA GLU B 114 -2.46 6.18 -7.22
C GLU B 114 -1.63 5.84 -8.44
N ALA B 115 -2.31 5.82 -9.59
CA ALA B 115 -1.69 5.40 -10.83
C ALA B 115 -0.62 6.38 -11.29
N ALA B 116 -0.91 7.67 -11.13
CA ALA B 116 0.02 8.72 -11.55
C ALA B 116 1.29 8.72 -10.71
N VAL B 117 1.16 8.48 -9.40
CA VAL B 117 2.34 8.43 -8.55
C VAL B 117 3.23 7.26 -8.94
N ALA B 118 2.62 6.10 -9.18
CA ALA B 118 3.38 4.93 -9.65
C ALA B 118 4.05 5.24 -10.99
N ALA B 119 3.31 5.86 -11.89
CA ALA B 119 3.83 6.19 -13.22
C ALA B 119 5.00 7.13 -13.12
N GLU B 120 4.87 8.17 -12.31
CA GLU B 120 5.94 9.15 -12.18
C GLU B 120 7.19 8.50 -11.59
N GLY B 121 6.99 7.60 -10.63
CA GLY B 121 8.11 6.87 -10.02
C GLY B 121 8.85 5.98 -11.01
N ALA B 122 8.12 5.53 -12.04
CA ALA B 122 8.63 4.57 -13.03
C ALA B 122 9.73 5.14 -13.93
N TYR B 123 9.69 6.44 -14.17
CA TYR B 123 10.64 7.08 -15.07
C TYR B 123 11.56 8.07 -14.37
N ASP B 124 11.46 8.14 -13.04
CA ASP B 124 12.30 9.03 -12.24
C ASP B 124 13.68 8.40 -12.12
N GLU B 125 14.69 9.07 -12.68
CA GLU B 125 16.04 8.51 -12.69
C GLU B 125 16.66 8.35 -11.30
N ASP B 126 16.40 9.29 -10.40
CA ASP B 126 16.88 9.15 -9.03
C ASP B 126 16.26 7.92 -8.39
N ASN B 127 14.96 7.75 -8.63
CA ASN B 127 14.25 6.62 -8.04
C ASN B 127 14.88 5.33 -8.55
N GLN B 128 15.16 5.25 -9.86
CA GLN B 128 15.77 4.04 -10.44
C GLN B 128 17.13 3.77 -9.79
N LYS B 129 17.91 4.83 -9.58
CA LYS B 129 19.22 4.70 -8.94
CA LYS B 129 19.22 4.68 -8.96
C LYS B 129 19.11 4.21 -7.52
N LEU B 130 18.16 4.76 -6.77
CA LEU B 130 17.95 4.32 -5.39
C LEU B 130 17.49 2.86 -5.35
N ILE B 131 16.59 2.48 -6.26
CA ILE B 131 16.13 1.10 -6.33
C ILE B 131 17.33 0.16 -6.57
N GLU B 132 18.24 0.55 -7.45
CA GLU B 132 19.43 -0.26 -7.73
CA GLU B 132 19.42 -0.27 -7.73
C GLU B 132 20.25 -0.43 -6.46
N ALA B 133 20.46 0.67 -5.76
CA ALA B 133 21.21 0.64 -4.50
C ALA B 133 20.58 -0.26 -3.44
N LEU B 134 19.28 -0.09 -3.20
CA LEU B 134 18.62 -0.89 -2.18
C LEU B 134 18.56 -2.37 -2.57
N SER B 135 18.58 -2.66 -3.87
CA SER B 135 18.51 -4.04 -4.34
C SER B 135 19.75 -4.82 -3.88
N VAL B 136 20.84 -4.11 -3.60
CA VAL B 136 22.06 -4.76 -3.07
C VAL B 136 22.29 -4.38 -1.61
N GLY B 137 21.26 -3.85 -0.96
CA GLY B 137 21.33 -3.50 0.45
C GLY B 137 22.21 -2.32 0.81
N ARG B 138 22.42 -1.39 -0.13
CA ARG B 138 23.23 -0.23 0.13
C ARG B 138 22.36 1.01 0.37
N TYR B 139 22.48 1.59 1.55
CA TYR B 139 21.76 2.81 1.92
C TYR B 139 22.66 3.66 2.78
N LYS B 140 23.59 4.35 2.13
CA LYS B 140 24.55 5.21 2.78
C LYS B 140 24.33 6.66 2.34
N ALA B 141 25.33 7.52 2.55
CA ALA B 141 25.17 8.95 2.25
C ALA B 141 24.56 9.27 0.90
N GLU B 142 25.12 8.70 -0.17
CA GLU B 142 24.68 8.96 -1.52
C GLU B 142 23.22 8.57 -1.73
N GLU B 143 22.83 7.43 -1.15
CA GLU B 143 21.45 6.93 -1.30
C GLU B 143 20.48 7.81 -0.53
N LYS B 144 20.90 8.23 0.66
CA LYS B 144 20.07 9.14 1.45
C LYS B 144 19.84 10.43 0.68
N GLU B 145 20.85 10.92 -0.02
CA GLU B 145 20.70 12.11 -0.86
C GLU B 145 19.65 11.86 -1.95
N LEU B 146 19.69 10.70 -2.59
CA LEU B 146 18.69 10.36 -3.60
C LEU B 146 17.31 10.34 -2.94
N ALA B 147 17.22 9.68 -1.79
CA ALA B 147 15.93 9.54 -1.11
C ALA B 147 15.31 10.91 -0.81
N TYR B 148 16.13 11.83 -0.31
CA TYR B 148 15.62 13.17 -0.03
C TYR B 148 15.16 13.91 -1.27
N ARG B 149 15.88 13.75 -2.38
CA ARG B 149 15.47 14.35 -3.64
CA ARG B 149 15.50 14.35 -3.66
C ARG B 149 14.14 13.78 -4.08
N ILE B 150 13.99 12.47 -3.97
CA ILE B 150 12.74 11.80 -4.35
C ILE B 150 11.58 12.29 -3.46
N ALA B 151 11.85 12.41 -2.17
CA ALA B 151 10.87 12.93 -1.22
C ALA B 151 10.41 14.32 -1.64
N GLU B 152 11.37 15.18 -1.98
CA GLU B 152 11.03 16.52 -2.47
C GLU B 152 10.14 16.48 -3.74
N LYS B 153 10.50 15.62 -4.67
CA LYS B 153 9.73 15.48 -5.89
C LYS B 153 8.29 15.11 -5.60
N LEU B 154 8.09 14.13 -4.71
CA LEU B 154 6.75 13.69 -4.36
C LEU B 154 5.92 14.82 -3.77
N VAL B 155 6.51 15.60 -2.87
CA VAL B 155 5.82 16.74 -2.30
C VAL B 155 5.51 17.77 -3.39
N ALA B 156 6.47 18.03 -4.26
CA ALA B 156 6.28 19.01 -5.32
C ALA B 156 5.23 18.66 -6.36
N LYS B 157 5.16 17.38 -6.71
CA LYS B 157 4.34 16.91 -7.81
C LYS B 157 2.89 16.64 -7.47
N MET B 158 2.61 16.41 -6.19
CA MET B 158 1.24 16.00 -5.84
C MET B 158 0.17 16.99 -6.31
N PRO B 159 0.38 18.31 -6.11
CA PRO B 159 -0.65 19.24 -6.57
C PRO B 159 -0.82 19.24 -8.09
N THR B 160 0.26 18.98 -8.83
CA THR B 160 0.18 18.93 -10.28
C THR B 160 -0.70 17.77 -10.71
N ILE B 161 -0.50 16.61 -10.10
CA ILE B 161 -1.32 15.44 -10.41
C ILE B 161 -2.80 15.74 -10.17
N VAL B 162 -3.07 16.33 -9.00
CA VAL B 162 -4.45 16.62 -8.64
C VAL B 162 -5.09 17.60 -9.63
N ALA B 163 -4.40 18.72 -9.88
CA ALA B 163 -4.90 19.76 -10.77
C ALA B 163 -5.09 19.24 -12.19
N TYR B 164 -4.12 18.49 -12.69
CA TYR B 164 -4.26 17.96 -14.05
C TYR B 164 -5.51 17.11 -14.13
N HIS B 165 -5.71 16.24 -13.14
CA HIS B 165 -6.89 15.39 -13.18
C HIS B 165 -8.17 16.23 -13.18
N TYR B 166 -8.20 17.25 -12.34
CA TYR B 166 -9.35 18.15 -12.30
C TYR B 166 -9.61 18.72 -13.70
N ARG B 167 -8.59 19.27 -14.33
CA ARG B 167 -8.78 19.87 -15.66
C ARG B 167 -9.24 18.82 -16.67
N PHE B 168 -8.54 17.69 -16.77
CA PHE B 168 -8.95 16.69 -17.77
C PHE B 168 -10.37 16.19 -17.51
N SER B 169 -10.72 16.04 -16.23
CA SER B 169 -12.04 15.48 -15.87
C SER B 169 -13.19 16.40 -16.26
N ARG B 170 -12.87 17.69 -16.42
CA ARG B 170 -13.84 18.72 -16.79
C ARG B 170 -13.74 19.06 -18.29
N GLY B 171 -12.92 18.31 -19.03
CA GLY B 171 -12.70 18.61 -20.46
C GLY B 171 -12.03 19.95 -20.69
N LEU B 172 -11.23 20.38 -19.72
CA LEU B 172 -10.51 21.65 -19.81
C LEU B 172 -9.07 21.38 -20.20
N GLU B 173 -8.42 22.40 -20.75
CA GLU B 173 -7.04 22.26 -21.12
C GLU B 173 -6.22 22.30 -19.83
N VAL B 174 -5.18 21.46 -19.76
CA VAL B 174 -4.32 21.42 -18.59
C VAL B 174 -3.60 22.76 -18.45
N VAL B 175 -3.41 23.19 -17.20
CA VAL B 175 -2.71 24.43 -16.89
C VAL B 175 -1.41 24.02 -16.22
N ARG B 176 -0.29 24.28 -16.88
CA ARG B 176 0.98 23.82 -16.34
CA ARG B 176 0.99 23.83 -16.35
C ARG B 176 1.51 24.69 -15.21
N PRO B 177 2.34 24.10 -14.34
CA PRO B 177 2.86 24.86 -13.22
C PRO B 177 3.62 26.12 -13.63
N ARG B 178 3.41 27.17 -12.86
CA ARG B 178 4.13 28.42 -13.07
C ARG B 178 5.25 28.60 -12.04
N ASP B 179 6.48 28.70 -12.52
CA ASP B 179 7.64 28.84 -11.64
C ASP B 179 7.63 30.11 -10.80
N ASP B 180 6.81 31.09 -11.18
CA ASP B 180 6.79 32.34 -10.44
C ASP B 180 5.76 32.35 -9.32
N LEU B 181 5.02 31.26 -9.17
CA LEU B 181 4.01 31.17 -8.13
C LEU B 181 4.46 30.19 -7.04
N GLY B 182 4.01 30.44 -5.81
CA GLY B 182 4.27 29.57 -4.69
C GLY B 182 3.49 28.27 -4.79
N HIS B 183 3.73 27.36 -3.86
CA HIS B 183 3.16 26.01 -3.91
C HIS B 183 1.63 26.03 -3.89
N ALA B 184 1.07 26.71 -2.90
CA ALA B 184 -0.39 26.83 -2.74
C ALA B 184 -1.00 27.64 -3.88
N ALA B 185 -0.44 28.82 -4.16
CA ALA B 185 -0.96 29.67 -5.22
C ALA B 185 -0.95 28.94 -6.56
N ASN B 186 0.15 28.27 -6.85
CA ASN B 186 0.26 27.56 -8.09
C ASN B 186 -0.79 26.46 -8.21
N PHE B 187 -1.11 25.81 -7.10
CA PHE B 187 -2.14 24.78 -7.14
C PHE B 187 -3.47 25.37 -7.61
N LEU B 188 -3.87 26.49 -7.02
CA LEU B 188 -5.12 27.10 -7.41
C LEU B 188 -5.07 27.58 -8.87
N TYR B 189 -3.91 28.08 -9.26
CA TYR B 189 -3.69 28.49 -10.65
C TYR B 189 -3.87 27.31 -11.60
N MET B 190 -3.29 26.17 -11.25
CA MET B 190 -3.41 24.99 -12.08
C MET B 190 -4.83 24.44 -12.13
N MET B 191 -5.57 24.60 -11.04
CA MET B 191 -6.95 24.11 -11.00
C MET B 191 -7.84 24.97 -11.85
N PHE B 192 -7.77 26.29 -11.66
CA PHE B 192 -8.72 27.19 -12.28
C PHE B 192 -8.25 28.08 -13.42
N GLY B 193 -6.95 28.08 -13.68
CA GLY B 193 -6.38 28.81 -14.80
C GLY B 193 -6.22 30.30 -14.63
N ARG B 194 -6.38 30.77 -13.40
CA ARG B 194 -6.19 32.19 -13.11
C ARG B 194 -5.38 32.31 -11.82
N GLU B 195 -4.58 33.35 -11.70
CA GLU B 195 -3.83 33.53 -10.46
C GLU B 195 -4.88 33.75 -9.37
N PRO B 196 -4.73 33.02 -8.26
CA PRO B 196 -5.75 33.12 -7.23
C PRO B 196 -5.69 34.37 -6.39
N ASP B 197 -6.81 34.65 -5.74
CA ASP B 197 -6.93 35.75 -4.78
CA ASP B 197 -6.88 35.77 -4.81
C ASP B 197 -5.98 35.41 -3.63
N PRO B 198 -5.27 36.39 -3.11
CA PRO B 198 -4.35 36.03 -2.03
C PRO B 198 -5.00 35.38 -0.80
N LEU B 199 -6.27 35.67 -0.53
CA LEU B 199 -6.93 35.06 0.62
C LEU B 199 -7.12 33.57 0.35
N ALA B 200 -7.54 33.23 -0.88
CA ALA B 200 -7.74 31.84 -1.27
C ALA B 200 -6.40 31.08 -1.18
N SER B 201 -5.33 31.70 -1.70
CA SER B 201 -4.00 31.09 -1.64
C SER B 201 -3.57 30.85 -0.20
N ARG B 202 -3.79 31.85 0.66
CA ARG B 202 -3.43 31.71 2.05
C ARG B 202 -4.16 30.53 2.69
N GLY B 203 -5.42 30.34 2.33
CA GLY B 203 -6.24 29.25 2.85
C GLY B 203 -5.65 27.89 2.49
N ILE B 204 -5.28 27.75 1.22
CA ILE B 204 -4.68 26.50 0.75
C ILE B 204 -3.34 26.27 1.45
N ASP B 205 -2.50 27.30 1.50
CA ASP B 205 -1.22 27.19 2.19
C ASP B 205 -1.44 26.76 3.65
N LEU B 206 -2.37 27.42 4.32
CA LEU B 206 -2.66 27.10 5.70
C LEU B 206 -3.14 25.66 5.80
N TYR B 207 -4.08 25.28 4.95
CA TYR B 207 -4.56 23.90 4.98
C TYR B 207 -3.39 22.91 4.84
N LEU B 208 -2.51 23.18 3.88
CA LEU B 208 -1.39 22.29 3.64
C LEU B 208 -0.50 22.20 4.87
N ILE B 209 -0.25 23.33 5.51
CA ILE B 209 0.55 23.32 6.72
C ILE B 209 -0.14 22.49 7.79
N LEU B 210 -1.43 22.74 7.98
CA LEU B 210 -2.15 22.11 9.09
C LEU B 210 -2.32 20.61 9.00
N HIS B 211 -2.30 20.05 7.79
CA HIS B 211 -2.54 18.62 7.62
C HIS B 211 -1.28 17.85 7.23
N ALA B 212 -0.11 18.49 7.33
CA ALA B 212 1.14 17.91 6.89
C ALA B 212 1.52 16.60 7.57
N ASP B 213 1.29 16.50 8.89
CA ASP B 213 1.49 15.25 9.59
C ASP B 213 0.59 15.18 10.80
N HIS B 214 0.15 13.97 11.13
CA HIS B 214 -0.69 13.77 12.28
C HIS B 214 -0.87 12.28 12.53
N GLU B 215 -0.35 11.81 13.66
CA GLU B 215 -0.50 10.40 14.05
C GLU B 215 0.03 9.47 12.94
N VAL B 216 -0.39 8.20 13.01
CA VAL B 216 -0.04 7.20 12.03
C VAL B 216 -1.32 6.59 11.53
N PRO B 217 -2.07 7.36 10.70
CA PRO B 217 -3.29 6.82 10.12
C PRO B 217 -2.96 5.70 9.15
N ALA B 218 -4.01 5.08 8.62
CA ALA B 218 -3.78 3.92 7.76
C ALA B 218 -2.94 4.25 6.52
N SER B 219 -3.01 5.48 6.01
CA SER B 219 -2.24 5.87 4.83
C SER B 219 -0.75 5.86 5.23
N THR B 220 -0.43 6.51 6.34
CA THR B 220 0.96 6.55 6.81
C THR B 220 1.45 5.13 7.15
N PHE B 221 0.58 4.33 7.74
CA PHE B 221 0.93 2.95 8.06
C PHE B 221 1.19 2.14 6.78
N ALA B 222 0.35 2.31 5.76
CA ALA B 222 0.54 1.61 4.48
C ALA B 222 1.89 1.98 3.89
N ALA B 223 2.25 3.26 3.99
CA ALA B 223 3.53 3.72 3.49
C ALA B 223 4.67 3.00 4.22
N HIS B 224 4.54 2.84 5.53
CA HIS B 224 5.53 2.10 6.32
C HIS B 224 5.64 0.64 5.87
N VAL B 225 4.51 -0.02 5.70
CA VAL B 225 4.53 -1.44 5.34
C VAL B 225 5.22 -1.64 3.99
N VAL B 226 4.84 -0.84 3.01
CA VAL B 226 5.46 -0.92 1.68
C VAL B 226 6.94 -0.56 1.77
N ALA B 227 7.26 0.54 2.45
CA ALA B 227 8.66 0.91 2.56
C ALA B 227 9.51 -0.12 3.31
N SER B 228 8.86 -0.91 4.19
CA SER B 228 9.59 -1.87 5.03
C SER B 228 10.24 -2.98 4.22
N THR B 229 9.75 -3.19 2.98
CA THR B 229 10.38 -4.19 2.10
C THR B 229 11.48 -3.56 1.26
N LEU B 230 11.76 -2.29 1.54
CA LEU B 230 12.68 -1.42 0.79
C LEU B 230 12.17 -1.08 -0.60
N SER B 231 10.85 -1.14 -0.75
CA SER B 231 10.21 -0.72 -1.98
C SER B 231 10.43 0.80 -2.09
N ASP B 232 10.21 1.33 -3.28
CA ASP B 232 10.56 2.72 -3.53
C ASP B 232 9.57 3.72 -2.95
N LEU B 233 10.03 4.96 -2.81
CA LEU B 233 9.24 6.02 -2.20
C LEU B 233 7.95 6.31 -2.97
N TYR B 234 8.01 6.27 -4.29
CA TYR B 234 6.81 6.53 -5.06
C TYR B 234 5.77 5.44 -4.77
N SER B 235 6.19 4.18 -4.80
CA SER B 235 5.28 3.06 -4.51
C SER B 235 4.70 3.16 -3.09
N SER B 236 5.52 3.59 -2.15
CA SER B 236 5.08 3.77 -0.77
C SER B 236 3.99 4.85 -0.69
N VAL B 237 4.18 5.95 -1.40
CA VAL B 237 3.17 7.01 -1.43
C VAL B 237 1.92 6.54 -2.19
N ALA B 238 2.09 5.80 -3.28
CA ALA B 238 0.94 5.24 -3.99
C ALA B 238 0.09 4.39 -3.05
N ALA B 239 0.75 3.59 -2.20
CA ALA B 239 0.05 2.72 -1.24
C ALA B 239 -0.66 3.57 -0.18
N ALA B 240 0.00 4.65 0.26
CA ALA B 240 -0.59 5.57 1.19
C ALA B 240 -1.90 6.13 0.62
N ILE B 241 -1.85 6.54 -0.63
CA ILE B 241 -3.03 7.06 -1.35
C ILE B 241 -4.10 5.97 -1.45
N ALA B 242 -3.70 4.73 -1.71
CA ALA B 242 -4.65 3.60 -1.77
C ALA B 242 -5.43 3.49 -0.46
N ALA B 243 -4.74 3.61 0.65
CA ALA B 243 -5.39 3.54 1.95
C ALA B 243 -6.26 4.78 2.18
N LEU B 244 -5.71 5.95 1.86
CA LEU B 244 -6.41 7.22 2.05
C LEU B 244 -7.74 7.28 1.33
N LYS B 245 -7.86 6.57 0.21
CA LYS B 245 -9.12 6.65 -0.53
C LYS B 245 -10.28 5.94 0.14
N GLY B 246 -10.00 5.09 1.14
CA GLY B 246 -11.05 4.34 1.83
C GLY B 246 -11.92 5.26 2.66
N PRO B 247 -13.23 4.99 2.72
CA PRO B 247 -14.13 5.89 3.46
C PRO B 247 -13.92 5.94 4.99
N LEU B 248 -13.19 4.97 5.55
CA LEU B 248 -12.89 5.01 6.97
C LEU B 248 -11.65 5.84 7.29
N HIS B 249 -10.92 6.26 6.27
CA HIS B 249 -9.76 7.11 6.50
C HIS B 249 -10.22 8.56 6.48
N GLY B 250 -10.80 8.98 5.36
CA GLY B 250 -11.25 10.36 5.20
C GLY B 250 -12.66 10.55 4.68
N GLY B 251 -12.96 11.79 4.30
CA GLY B 251 -14.28 12.14 3.80
C GLY B 251 -15.10 12.93 4.80
N ALA B 252 -14.57 13.12 6.01
CA ALA B 252 -15.28 13.83 7.08
C ALA B 252 -15.55 15.29 6.75
N ASN B 253 -14.56 16.00 6.25
CA ASN B 253 -14.79 17.41 5.92
C ASN B 253 -15.80 17.58 4.79
N GLU B 254 -15.86 16.61 3.87
CA GLU B 254 -16.87 16.63 2.82
C GLU B 254 -18.24 16.37 3.45
N MET B 255 -18.33 15.34 4.28
CA MET B 255 -19.62 14.99 4.89
CA MET B 255 -19.61 14.99 4.90
C MET B 255 -20.12 16.11 5.80
N ALA B 256 -19.20 16.80 6.48
CA ALA B 256 -19.59 17.92 7.33
C ALA B 256 -20.29 19.01 6.48
N VAL B 257 -19.69 19.37 5.34
CA VAL B 257 -20.27 20.36 4.45
C VAL B 257 -21.61 19.87 3.89
N ARG B 258 -21.66 18.65 3.37
CA ARG B 258 -22.94 18.14 2.88
C ARG B 258 -24.01 18.22 3.97
N ASN B 259 -23.64 17.88 5.20
CA ASN B 259 -24.58 17.93 6.31
C ASN B 259 -25.02 19.35 6.60
N TYR B 260 -24.10 20.30 6.56
CA TYR B 260 -24.48 21.70 6.80
C TYR B 260 -25.49 22.15 5.75
N LEU B 261 -25.29 21.74 4.51
CA LEU B 261 -26.21 22.09 3.45
C LEU B 261 -27.58 21.48 3.71
N GLU B 262 -27.59 20.21 4.12
CA GLU B 262 -28.84 19.50 4.44
C GLU B 262 -29.60 20.20 5.55
N ILE B 263 -28.86 20.63 6.58
CA ILE B 263 -29.43 21.29 7.75
C ILE B 263 -30.07 22.61 7.32
N GLY B 264 -29.34 23.42 6.55
CA GLY B 264 -29.88 24.63 5.96
C GLY B 264 -30.07 25.85 6.84
N THR B 265 -30.38 25.63 8.12
CA THR B 265 -30.68 26.70 9.04
C THR B 265 -29.94 26.51 10.36
N PRO B 266 -29.22 27.55 10.81
CA PRO B 266 -28.53 27.51 12.10
C PRO B 266 -29.48 27.28 13.27
N ALA B 267 -30.76 27.59 13.08
CA ALA B 267 -31.76 27.42 14.14
C ALA B 267 -31.84 25.97 14.60
N LYS B 268 -31.46 25.04 13.72
CA LYS B 268 -31.50 23.62 14.05
C LYS B 268 -30.30 23.12 14.86
N ALA B 269 -29.34 24.00 15.09
CA ALA B 269 -28.13 23.57 15.78
C ALA B 269 -28.39 22.87 17.10
N LYS B 270 -29.23 23.47 17.94
CA LYS B 270 -29.49 22.89 19.25
C LYS B 270 -30.06 21.48 19.17
N GLU B 271 -31.08 21.29 18.32
CA GLU B 271 -31.71 19.99 18.23
C GLU B 271 -30.80 18.94 17.59
N ILE B 272 -29.97 19.36 16.65
CA ILE B 272 -29.03 18.45 15.97
C ILE B 272 -28.01 17.93 16.98
N VAL B 273 -27.49 18.85 17.78
CA VAL B 273 -26.51 18.49 18.78
C VAL B 273 -27.13 17.60 19.84
N GLU B 274 -28.37 17.89 20.23
CA GLU B 274 -29.07 17.05 21.19
C GLU B 274 -29.28 15.64 20.63
N ALA B 275 -29.67 15.56 19.36
CA ALA B 275 -29.93 14.27 18.72
C ALA B 275 -28.66 13.42 18.67
N ALA B 276 -27.51 14.08 18.56
CA ALA B 276 -26.23 13.37 18.48
C ALA B 276 -25.80 12.76 19.81
N THR B 277 -26.49 13.06 20.90
CA THR B 277 -26.13 12.52 22.21
C THR B 277 -26.85 11.21 22.49
N LYS B 278 -27.72 10.81 21.57
CA LYS B 278 -28.56 9.63 21.76
C LYS B 278 -28.09 8.48 20.89
N PRO B 279 -28.23 7.23 21.39
CA PRO B 279 -27.81 6.07 20.62
C PRO B 279 -28.53 6.00 19.27
N GLY B 280 -27.79 5.72 18.21
CA GLY B 280 -28.36 5.63 16.86
C GLY B 280 -28.57 6.98 16.21
N GLY B 281 -28.27 8.05 16.93
CA GLY B 281 -28.44 9.39 16.40
C GLY B 281 -27.40 9.68 15.34
N PRO B 282 -27.72 10.57 14.37
CA PRO B 282 -26.74 10.95 13.35
C PRO B 282 -25.54 11.62 14.00
N LYS B 283 -24.36 11.06 13.79
CA LYS B 283 -23.16 11.62 14.41
C LYS B 283 -22.77 12.92 13.74
N LEU B 284 -22.23 13.83 14.54
CA LEU B 284 -21.78 15.11 14.07
C LEU B 284 -20.40 14.90 13.45
N MET B 285 -20.28 15.25 12.19
CA MET B 285 -19.01 15.14 11.51
C MET B 285 -18.03 16.15 12.09
N GLY B 286 -16.80 15.73 12.28
CA GLY B 286 -15.77 16.62 12.76
C GLY B 286 -15.86 17.00 14.23
N VAL B 287 -16.59 16.22 15.03
CA VAL B 287 -16.68 16.45 16.48
C VAL B 287 -16.15 15.20 17.21
N GLY B 288 -15.24 15.43 18.14
CA GLY B 288 -14.59 14.35 18.86
C GLY B 288 -13.35 13.95 18.10
N HIS B 289 -12.43 13.31 18.81
CA HIS B 289 -11.17 12.90 18.19
C HIS B 289 -10.55 11.81 19.06
N ARG B 290 -9.86 10.87 18.42
CA ARG B 290 -9.24 9.79 19.15
C ARG B 290 -8.12 10.26 20.06
N VAL B 291 -7.48 11.38 19.73
CA VAL B 291 -6.38 11.89 20.53
C VAL B 291 -6.76 13.17 21.26
N TYR B 292 -7.28 14.16 20.54
CA TYR B 292 -7.67 15.42 21.15
C TYR B 292 -8.88 15.29 22.06
N LYS B 293 -8.66 15.65 23.32
CA LYS B 293 -9.71 15.73 24.33
C LYS B 293 -9.76 17.22 24.70
N ALA B 294 -9.65 18.05 23.66
CA ALA B 294 -9.64 19.49 23.73
C ALA B 294 -9.90 19.96 22.30
N TYR B 295 -10.11 21.26 22.14
CA TYR B 295 -10.34 21.81 20.81
C TYR B 295 -9.07 21.53 20.00
N ASP B 296 -9.26 21.02 18.80
CA ASP B 296 -8.15 20.67 17.90
C ASP B 296 -7.50 21.98 17.52
N PRO B 297 -6.18 22.13 17.80
CA PRO B 297 -5.52 23.40 17.52
C PRO B 297 -5.58 23.78 16.04
N ARG B 298 -5.63 22.76 15.18
CA ARG B 298 -5.72 23.00 13.76
C ARG B 298 -7.11 23.59 13.41
N ALA B 299 -8.14 23.14 14.13
CA ALA B 299 -9.51 23.60 13.90
C ALA B 299 -9.64 25.06 14.33
N LYS B 300 -9.04 25.41 15.46
CA LYS B 300 -9.11 26.80 15.91
C LYS B 300 -8.52 27.72 14.84
N ILE B 301 -7.38 27.32 14.31
CA ILE B 301 -6.72 28.12 13.29
C ILE B 301 -7.52 28.17 12.00
N PHE B 302 -8.02 27.02 11.53
CA PHE B 302 -8.72 27.04 10.26
C PHE B 302 -10.08 27.71 10.37
N LYS B 303 -10.70 27.63 11.54
CA LYS B 303 -11.95 28.34 11.77
C LYS B 303 -11.75 29.84 11.51
N GLU B 304 -10.64 30.38 12.01
CA GLU B 304 -10.34 31.80 11.87
C GLU B 304 -10.08 32.16 10.41
N PHE B 305 -9.39 31.29 9.70
CA PHE B 305 -9.22 31.51 8.27
C PHE B 305 -10.60 31.52 7.61
N SER B 306 -11.43 30.52 7.93
CA SER B 306 -12.77 30.41 7.34
C SER B 306 -13.61 31.68 7.57
N ARG B 307 -13.50 32.23 8.76
CA ARG B 307 -14.18 33.48 9.11
C ARG B 307 -13.72 34.57 8.18
N ASP B 308 -12.42 34.65 7.94
CA ASP B 308 -11.86 35.66 7.04
C ASP B 308 -12.37 35.46 5.62
N TYR B 309 -12.39 34.21 5.18
CA TYR B 309 -12.83 33.89 3.85
C TYR B 309 -14.29 34.34 3.65
N VAL B 310 -15.20 33.99 4.55
CA VAL B 310 -16.59 34.39 4.37
C VAL B 310 -16.80 35.89 4.57
N ALA B 311 -15.93 36.53 5.33
CA ALA B 311 -16.02 37.99 5.52
C ALA B 311 -15.76 38.66 4.18
N LYS B 312 -14.85 38.10 3.39
CA LYS B 312 -14.53 38.70 2.10
C LYS B 312 -15.48 38.28 0.99
N PHE B 313 -15.78 36.98 0.92
CA PHE B 313 -16.55 36.42 -0.19
C PHE B 313 -18.00 36.12 0.11
N GLY B 314 -18.39 36.26 1.36
CA GLY B 314 -19.75 35.97 1.76
C GLY B 314 -19.88 34.51 2.17
N ASP B 315 -21.04 34.19 2.73
CA ASP B 315 -21.36 32.85 3.20
C ASP B 315 -22.69 32.49 2.53
N PRO B 316 -22.68 32.42 1.18
CA PRO B 316 -23.94 32.27 0.43
C PRO B 316 -24.77 31.03 0.72
N GLN B 317 -24.11 29.96 1.15
CA GLN B 317 -24.81 28.74 1.51
C GLN B 317 -24.94 28.59 3.02
N ASN B 318 -24.55 29.64 3.73
CA ASN B 318 -24.69 29.71 5.20
C ASN B 318 -23.91 28.64 5.95
N LEU B 319 -22.88 28.11 5.28
CA LEU B 319 -22.06 27.05 5.87
C LEU B 319 -21.38 27.50 7.13
N PHE B 320 -20.75 28.68 7.09
CA PHE B 320 -20.05 29.16 8.27
C PHE B 320 -21.01 29.45 9.41
N ALA B 321 -22.17 30.02 9.09
CA ALA B 321 -23.21 30.30 10.09
C ALA B 321 -23.73 29.02 10.75
N ILE B 322 -24.00 28.00 9.93
CA ILE B 322 -24.50 26.74 10.43
C ILE B 322 -23.44 26.06 11.30
N ALA B 323 -22.24 25.93 10.74
CA ALA B 323 -21.15 25.31 11.49
C ALA B 323 -20.89 26.05 12.82
N SER B 324 -20.91 27.38 12.78
CA SER B 324 -20.72 28.16 13.99
C SER B 324 -21.80 27.89 15.04
N ALA B 325 -23.04 27.79 14.59
CA ALA B 325 -24.15 27.53 15.51
C ALA B 325 -24.02 26.14 16.13
N ILE B 326 -23.63 25.16 15.32
CA ILE B 326 -23.44 23.81 15.82
C ILE B 326 -22.28 23.77 16.80
N GLU B 327 -21.18 24.46 16.46
CA GLU B 327 -20.02 24.51 17.34
C GLU B 327 -20.39 25.04 18.73
N GLN B 328 -21.15 26.12 18.77
CA GLN B 328 -21.51 26.73 20.03
C GLN B 328 -22.35 25.80 20.89
N GLU B 329 -23.26 25.06 20.24
CA GLU B 329 -24.07 24.08 20.97
C GLU B 329 -23.22 22.90 21.45
N VAL B 330 -22.29 22.44 20.62
CA VAL B 330 -21.40 21.37 21.05
C VAL B 330 -20.57 21.77 22.26
N LEU B 331 -20.07 22.99 22.23
CA LEU B 331 -19.24 23.48 23.31
C LEU B 331 -19.98 23.72 24.61
N SER B 332 -21.30 23.88 24.53
CA SER B 332 -22.11 24.14 25.72
C SER B 332 -22.93 22.94 26.20
N HIS B 333 -22.95 21.85 25.44
CA HIS B 333 -23.75 20.70 25.82
C HIS B 333 -22.97 19.80 26.76
N PRO B 334 -23.56 19.47 27.92
CA PRO B 334 -22.87 18.64 28.92
C PRO B 334 -22.37 17.29 28.43
N TYR B 335 -23.11 16.67 27.52
CA TYR B 335 -22.72 15.37 26.97
C TYR B 335 -21.34 15.49 26.33
N PHE B 336 -21.19 16.47 25.45
CA PHE B 336 -19.93 16.71 24.75
C PHE B 336 -18.82 17.21 25.68
N GLN B 337 -19.17 18.10 26.61
CA GLN B 337 -18.21 18.64 27.56
C GLN B 337 -17.64 17.53 28.45
N GLN B 338 -18.52 16.69 28.99
CA GLN B 338 -18.10 15.62 29.90
C GLN B 338 -17.25 14.54 29.21
N ARG B 339 -17.48 14.35 27.92
CA ARG B 339 -16.75 13.37 27.15
C ARG B 339 -15.56 14.01 26.42
N LYS B 340 -15.35 15.31 26.63
CA LYS B 340 -14.23 16.03 26.03
C LYS B 340 -14.29 15.90 24.51
N LEU B 341 -15.49 16.06 23.98
CA LEU B 341 -15.71 15.99 22.54
C LEU B 341 -15.81 17.40 21.98
N TYR B 342 -14.82 17.80 21.19
CA TYR B 342 -14.76 19.13 20.61
C TYR B 342 -14.67 19.08 19.08
N PRO B 343 -14.90 20.21 18.43
CA PRO B 343 -14.68 20.24 17.00
C PRO B 343 -13.23 19.88 16.66
N ASN B 344 -13.07 19.16 15.56
CA ASN B 344 -11.73 18.90 15.03
C ASN B 344 -11.66 19.62 13.69
N VAL B 345 -10.49 19.69 13.09
CA VAL B 345 -10.30 20.48 11.89
C VAL B 345 -11.26 20.13 10.73
N ASP B 346 -11.72 18.89 10.69
CA ASP B 346 -12.65 18.46 9.64
C ASP B 346 -14.02 19.17 9.75
N PHE B 347 -14.32 19.67 10.93
CA PHE B 347 -15.57 20.39 11.18
C PHE B 347 -15.63 21.64 10.30
N TRP B 348 -14.46 22.24 10.05
CA TRP B 348 -14.35 23.49 9.33
C TRP B 348 -13.76 23.46 7.95
N SER B 349 -12.81 22.56 7.71
CA SER B 349 -11.98 22.66 6.52
C SER B 349 -12.65 22.55 5.16
N GLY B 350 -13.83 21.92 5.06
CA GLY B 350 -14.47 21.78 3.76
C GLY B 350 -15.19 23.04 3.31
N ILE B 351 -15.43 23.96 4.25
CA ILE B 351 -16.20 25.16 3.93
C ILE B 351 -15.54 26.05 2.90
N ALA B 352 -14.27 26.40 3.11
CA ALA B 352 -13.56 27.22 2.17
C ALA B 352 -13.42 26.49 0.85
N PHE B 353 -13.04 25.21 0.89
CA PHE B 353 -12.90 24.44 -0.35
C PHE B 353 -14.17 24.53 -1.17
N TYR B 354 -15.30 24.30 -0.51
CA TYR B 354 -16.58 24.31 -1.19
C TYR B 354 -16.79 25.66 -1.86
N TYR B 355 -16.57 26.75 -1.12
CA TYR B 355 -16.77 28.09 -1.67
C TYR B 355 -15.77 28.45 -2.75
N MET B 356 -14.58 27.86 -2.69
CA MET B 356 -13.54 28.11 -3.68
C MET B 356 -13.83 27.40 -5.00
N GLY B 357 -14.85 26.53 -5.01
CA GLY B 357 -15.21 25.82 -6.22
C GLY B 357 -14.49 24.50 -6.38
N ILE B 358 -13.88 24.01 -5.31
CA ILE B 358 -13.19 22.72 -5.34
C ILE B 358 -14.26 21.63 -5.18
N PRO B 359 -14.38 20.73 -6.17
CA PRO B 359 -15.38 19.68 -6.06
C PRO B 359 -15.09 18.79 -4.85
N TYR B 360 -16.13 18.19 -4.31
CA TYR B 360 -15.97 17.33 -3.14
C TYR B 360 -14.95 16.22 -3.34
N GLU B 361 -14.94 15.63 -4.53
CA GLU B 361 -14.05 14.50 -4.81
CA GLU B 361 -14.04 14.50 -4.78
C GLU B 361 -12.58 14.88 -4.81
N TYR B 362 -12.29 16.17 -4.76
CA TYR B 362 -10.89 16.66 -4.70
C TYR B 362 -10.48 17.01 -3.28
N PHE B 363 -11.39 16.95 -2.31
CA PHE B 363 -11.02 17.23 -0.91
C PHE B 363 -9.95 16.26 -0.43
N THR B 364 -10.14 14.97 -0.65
CA THR B 364 -9.19 13.97 -0.17
C THR B 364 -7.86 14.07 -0.92
N PRO B 365 -7.91 14.25 -2.25
CA PRO B 365 -6.65 14.55 -2.96
C PRO B 365 -5.88 15.72 -2.37
N ILE B 366 -6.56 16.77 -1.92
CA ILE B 366 -5.87 17.91 -1.34
C ILE B 366 -5.26 17.53 0.00
N PHE B 367 -5.93 16.65 0.75
CA PHE B 367 -5.31 16.14 1.96
C PHE B 367 -3.99 15.41 1.58
N ALA B 368 -4.00 14.62 0.51
CA ALA B 368 -2.79 13.93 0.06
C ALA B 368 -1.68 14.96 -0.27
N MET B 369 -2.08 16.08 -0.87
CA MET B 369 -1.11 17.16 -1.17
C MET B 369 -0.40 17.66 0.08
N SER B 370 -1.14 17.73 1.19
CA SER B 370 -0.58 18.15 2.44
C SER B 370 0.27 17.05 3.06
N ARG B 371 -0.36 15.89 3.23
CA ARG B 371 0.19 14.82 4.02
C ARG B 371 1.36 14.08 3.38
N VAL B 372 1.54 14.29 2.07
CA VAL B 372 2.62 13.61 1.37
C VAL B 372 3.96 13.88 2.06
N VAL B 373 4.17 15.10 2.56
CA VAL B 373 5.43 15.37 3.23
C VAL B 373 5.59 14.53 4.48
N GLY B 374 4.52 14.37 5.24
CA GLY B 374 4.55 13.49 6.42
C GLY B 374 4.82 12.06 5.98
N TRP B 375 4.15 11.59 4.95
CA TRP B 375 4.37 10.23 4.48
C TRP B 375 5.84 9.98 4.17
N VAL B 376 6.42 10.82 3.34
CA VAL B 376 7.82 10.60 2.96
C VAL B 376 8.77 10.77 4.14
N ALA B 377 8.51 11.75 5.00
CA ALA B 377 9.37 11.91 6.18
C ALA B 377 9.30 10.65 7.09
N HIS B 378 8.11 10.09 7.23
CA HIS B 378 7.93 8.88 8.00
C HIS B 378 8.69 7.69 7.42
N VAL B 379 8.61 7.54 6.10
CA VAL B 379 9.35 6.47 5.45
C VAL B 379 10.85 6.65 5.67
N LEU B 380 11.36 7.85 5.40
CA LEU B 380 12.80 8.09 5.56
C LEU B 380 13.21 7.80 7.01
N GLU B 381 12.38 8.19 7.97
CA GLU B 381 12.66 7.90 9.36
C GLU B 381 12.69 6.41 9.65
N TYR B 382 11.71 5.67 9.12
CA TYR B 382 11.68 4.24 9.34
C TYR B 382 12.94 3.61 8.75
N TRP B 383 13.36 4.12 7.58
CA TRP B 383 14.55 3.58 6.89
C TRP B 383 15.85 3.75 7.68
N GLU B 384 15.82 4.60 8.70
CA GLU B 384 17.01 4.74 9.54
CA GLU B 384 16.99 4.76 9.58
C GLU B 384 17.22 3.47 10.38
N ASN B 385 16.14 2.72 10.59
CA ASN B 385 16.18 1.46 11.33
C ASN B 385 15.12 0.55 10.73
N ASN B 386 15.29 0.18 9.47
CA ASN B 386 14.25 -0.56 8.78
C ASN B 386 14.08 -1.97 9.29
N ARG B 387 12.82 -2.42 9.33
CA ARG B 387 12.54 -3.82 9.61
C ARG B 387 11.27 -4.16 8.86
N ILE B 388 11.37 -5.15 7.99
CA ILE B 388 10.20 -5.61 7.22
C ILE B 388 9.12 -6.08 8.18
N PHE B 389 7.89 -5.67 7.92
CA PHE B 389 6.78 -6.08 8.75
C PHE B 389 6.44 -7.54 8.53
N ARG B 390 6.32 -8.27 9.64
CA ARG B 390 6.05 -9.71 9.60
C ARG B 390 4.99 -10.12 10.61
N PRO B 391 3.78 -9.60 10.44
CA PRO B 391 2.71 -9.99 11.34
C PRO B 391 2.24 -11.40 11.05
N ARG B 392 1.31 -11.88 11.87
CA ARG B 392 0.79 -13.23 11.73
C ARG B 392 -0.71 -13.25 11.88
N ALA B 393 -1.27 -14.39 11.47
CA ALA B 393 -2.68 -14.65 11.68
C ALA B 393 -2.75 -15.97 12.43
N CYS B 394 -3.85 -16.17 13.14
CA CYS B 394 -4.09 -17.39 13.87
C CYS B 394 -4.89 -18.34 12.97
N TYR B 395 -4.29 -19.45 12.59
CA TYR B 395 -4.99 -20.38 11.71
C TYR B 395 -6.01 -21.20 12.48
N ILE B 396 -7.26 -21.09 12.04
CA ILE B 396 -8.36 -21.82 12.67
C ILE B 396 -9.13 -22.64 11.65
N GLY B 397 -8.47 -22.96 10.54
CA GLY B 397 -9.04 -23.82 9.53
C GLY B 397 -8.68 -25.26 9.88
N PRO B 398 -9.21 -26.21 9.12
CA PRO B 398 -8.88 -27.60 9.39
C PRO B 398 -7.56 -28.02 8.76
N HIS B 399 -7.15 -29.25 9.03
CA HIS B 399 -5.94 -29.81 8.45
C HIS B 399 -6.23 -31.17 7.85
N ASP B 400 -5.49 -31.50 6.79
CA ASP B 400 -5.55 -32.82 6.17
C ASP B 400 -6.88 -33.26 5.58
N LEU B 401 -7.59 -32.31 4.97
CA LEU B 401 -8.80 -32.62 4.25
C LEU B 401 -8.37 -33.45 3.04
N GLN B 402 -9.19 -34.40 2.64
CA GLN B 402 -8.85 -35.25 1.52
C GLN B 402 -9.49 -34.78 0.23
N TYR B 403 -8.66 -34.62 -0.79
CA TYR B 403 -9.11 -34.16 -2.07
C TYR B 403 -10.10 -35.17 -2.61
N ILE B 404 -11.24 -34.68 -3.10
CA ILE B 404 -12.26 -35.51 -3.69
C ILE B 404 -12.31 -35.18 -5.18
N PRO B 405 -12.30 -36.21 -6.03
CA PRO B 405 -12.35 -35.96 -7.47
C PRO B 405 -13.53 -35.07 -7.84
N LEU B 406 -13.33 -34.21 -8.84
CA LEU B 406 -14.34 -33.22 -9.25
C LEU B 406 -15.74 -33.82 -9.43
N GLU B 407 -15.79 -34.88 -10.22
CA GLU B 407 -17.05 -35.55 -10.57
C GLU B 407 -17.84 -36.09 -9.37
N GLN B 408 -17.16 -36.30 -8.24
CA GLN B 408 -17.81 -36.82 -7.05
C GLN B 408 -18.26 -35.77 -6.03
N ARG B 409 -18.05 -34.49 -6.33
CA ARG B 409 -18.44 -33.42 -5.40
C ARG B 409 -19.89 -32.99 -5.59
#